data_2XR1
#
_entry.id   2XR1
#
_cell.length_a   77.660
_cell.length_b   97.720
_cell.length_c   90.720
_cell.angle_alpha   90.00
_cell.angle_beta   98.26
_cell.angle_gamma   90.00
#
_symmetry.space_group_name_H-M   'P 1 21 1'
#
loop_
_entity.id
_entity.type
_entity.pdbx_description
1 polymer 'CLEAVAGE AND POLYADENYLATION SPECIFICITY FACTOR 100 KD SUBUNIT'
2 non-polymer 'ZINC ION'
3 water water
#
_entity_poly.entity_id   1
_entity_poly.type   'polypeptide(L)'
_entity_poly.pdbx_seq_one_letter_code
;GSHMPIEDVLLDLKHKIEKNLPAGVTITDVEFEGPQLVLYTEEPRKFADDGNIIRNLAKELRTRIAMRPDPRVLATPEDS
ISIIEEVVPKESVISSYYFDPDSGEVIIEAEKPGLVIGKHGATLREITKQIGWIPKVVRTPPIKSRTVKNIREFMRNNLK
ERKEILKTVGRKIHRECTSKDQWVRVTALGGCKEVGRSCFLLSTPESRILIDCGVNVGSDENMTPYLYVPEVFPLNQIDA
VIVTHAHLDHQGLVPLLFKYGYEGPVYCTPPTRDLMVLLQLDYIDVAAKEGKKIPYESGMVAKTLKHTIPLDYEEVTDIA
PDIKLTFHNAGHILGSAISHFHIGDGLHNVVFTGDYKYEKTRLFDPAVNKFPRVETVISEATYGNANAFQPALKDAEKHL
QMVVKNTIERGGIAVIPAFAVGRSQEVMIVLEESIRKGLIPEVPVYLDGMIWEATAIHATHPEYLNNDLRKLIFQKGQNP
FLSECFKPVDSHEARQKIIQNPQPCVILATSGMMNGGPVMEYFKAFAEDPRNTLVFVGYQADGTIGRRIQKGWKEIPMTG
KNGSTEMLKMNMEVQVVDGFSGHSDRRQLMEYVKRMQPRPERVFTEHGDEKACVDLASSVYKKLKIETRALTNLETVRLL
;
_entity_poly.pdbx_strand_id   A,B
#
loop_
_chem_comp.id
_chem_comp.type
_chem_comp.name
_chem_comp.formula
ZN non-polymer 'ZINC ION' 'Zn 2'
#
# COMPACT_ATOMS: atom_id res chain seq x y z
N ILE A 6 -15.27 -27.06 10.02
CA ILE A 6 -16.29 -26.18 9.34
C ILE A 6 -17.60 -26.91 9.19
N GLU A 7 -17.53 -28.20 8.82
CA GLU A 7 -18.67 -29.12 8.84
C GLU A 7 -19.52 -28.87 10.09
N ASP A 8 -18.85 -28.74 11.24
CA ASP A 8 -19.52 -28.56 12.53
C ASP A 8 -20.31 -27.27 12.67
N VAL A 9 -19.91 -26.21 11.94
CA VAL A 9 -20.64 -24.94 11.99
C VAL A 9 -21.82 -25.00 11.03
N LEU A 10 -21.70 -25.84 10.00
CA LEU A 10 -22.79 -26.12 9.09
C LEU A 10 -23.86 -26.98 9.74
N LEU A 11 -23.45 -27.92 10.60
CA LEU A 11 -24.41 -28.70 11.39
C LEU A 11 -25.16 -27.78 12.34
N ASP A 12 -24.41 -26.92 13.02
CA ASP A 12 -25.03 -25.97 13.95
C ASP A 12 -26.05 -25.09 13.22
N LEU A 13 -25.79 -24.76 11.97
CA LEU A 13 -26.81 -24.05 11.22
C LEU A 13 -27.99 -24.98 10.94
N LYS A 14 -27.70 -26.15 10.41
CA LYS A 14 -28.72 -27.13 10.07
C LYS A 14 -29.67 -27.37 11.27
N HIS A 15 -29.13 -27.94 12.34
CA HIS A 15 -29.89 -28.18 13.55
C HIS A 15 -30.66 -26.94 14.00
N LYS A 16 -30.08 -25.77 13.81
CA LYS A 16 -30.75 -24.51 14.18
C LYS A 16 -31.98 -24.28 13.31
N ILE A 17 -31.80 -24.37 12.01
CA ILE A 17 -32.89 -24.15 11.08
C ILE A 17 -33.98 -25.15 11.30
N GLU A 18 -33.62 -26.39 11.66
CA GLU A 18 -34.60 -27.46 11.86
C GLU A 18 -35.51 -27.16 13.05
N LYS A 19 -35.01 -26.38 14.00
CA LYS A 19 -35.79 -25.97 15.17
C LYS A 19 -36.92 -24.98 14.83
N ASN A 20 -36.72 -24.15 13.79
CA ASN A 20 -37.73 -23.16 13.42
C ASN A 20 -38.56 -23.51 12.17
N LEU A 21 -38.13 -24.52 11.40
CA LEU A 21 -38.95 -24.96 10.27
C LEU A 21 -40.34 -25.36 10.79
N PRO A 22 -41.39 -25.11 10.00
CA PRO A 22 -42.69 -25.62 10.38
C PRO A 22 -42.79 -27.13 10.29
N ALA A 23 -43.72 -27.72 11.04
CA ALA A 23 -44.00 -29.15 10.97
C ALA A 23 -44.16 -29.58 9.52
N GLY A 24 -43.61 -30.73 9.18
CA GLY A 24 -43.73 -31.30 7.85
C GLY A 24 -42.61 -30.95 6.88
N VAL A 25 -41.85 -29.89 7.16
CA VAL A 25 -40.84 -29.38 6.25
C VAL A 25 -39.43 -29.82 6.70
N THR A 26 -38.69 -30.46 5.80
CA THR A 26 -37.38 -30.98 6.16
C THR A 26 -36.34 -30.51 5.18
N ILE A 27 -35.10 -30.50 5.64
CA ILE A 27 -33.96 -30.25 4.78
C ILE A 27 -33.00 -31.42 4.97
N THR A 28 -32.18 -31.67 3.95
CA THR A 28 -31.13 -32.68 4.03
C THR A 28 -29.81 -31.97 4.40
N ASP A 29 -29.25 -31.16 3.51
CA ASP A 29 -27.93 -30.55 3.73
C ASP A 29 -27.94 -29.04 3.65
N VAL A 30 -26.97 -28.44 4.33
CA VAL A 30 -26.79 -27.00 4.36
C VAL A 30 -25.33 -26.68 3.94
N GLU A 31 -25.18 -25.96 2.83
CA GLU A 31 -23.90 -25.60 2.24
C GLU A 31 -23.87 -24.11 1.92
N PHE A 32 -22.70 -23.51 2.06
CA PHE A 32 -22.41 -22.22 1.50
C PHE A 32 -21.98 -22.47 0.08
N GLU A 33 -22.71 -21.98 -0.91
CA GLU A 33 -22.28 -22.07 -2.30
C GLU A 33 -22.18 -20.67 -2.87
N GLY A 34 -20.96 -20.24 -3.16
CA GLY A 34 -20.70 -18.87 -3.55
C GLY A 34 -21.23 -17.95 -2.49
N PRO A 35 -21.89 -16.88 -2.88
CA PRO A 35 -22.41 -15.93 -1.90
C PRO A 35 -23.61 -16.38 -1.06
N GLN A 36 -24.23 -17.49 -1.42
CA GLN A 36 -25.43 -17.93 -0.76
C GLN A 36 -25.25 -19.02 0.27
N LEU A 37 -26.17 -19.06 1.23
CA LEU A 37 -26.39 -20.25 2.04
C LEU A 37 -27.45 -21.03 1.29
N VAL A 38 -27.22 -22.33 1.11
CA VAL A 38 -28.15 -23.15 0.35
C VAL A 38 -28.67 -24.29 1.19
N LEU A 39 -29.99 -24.40 1.27
CA LEU A 39 -30.65 -25.53 1.92
C LEU A 39 -31.08 -26.53 0.87
N TYR A 40 -30.62 -27.78 1.01
CA TYR A 40 -31.08 -28.87 0.18
C TYR A 40 -32.28 -29.57 0.82
N THR A 41 -33.21 -30.01 -0.02
CA THR A 41 -34.45 -30.62 0.45
C THR A 41 -34.96 -31.69 -0.51
N GLU A 42 -35.57 -32.73 0.05
CA GLU A 42 -36.23 -33.75 -0.75
C GLU A 42 -37.71 -33.40 -0.98
N GLU A 43 -38.12 -32.26 -0.45
CA GLU A 43 -39.52 -31.81 -0.54
C GLU A 43 -39.60 -30.36 -1.02
N PRO A 44 -38.95 -30.05 -2.15
CA PRO A 44 -38.96 -28.69 -2.68
C PRO A 44 -40.34 -28.10 -2.85
N ARG A 45 -41.33 -28.91 -3.15
CA ARG A 45 -42.69 -28.41 -3.36
C ARG A 45 -43.13 -27.59 -2.18
N LYS A 46 -42.77 -28.04 -0.98
CA LYS A 46 -43.18 -27.37 0.25
C LYS A 46 -42.56 -26.00 0.39
N PHE A 47 -41.38 -25.80 -0.20
CA PHE A 47 -40.79 -24.47 -0.25
C PHE A 47 -41.33 -23.61 -1.41
N ALA A 48 -41.83 -24.25 -2.47
CA ALA A 48 -42.47 -23.51 -3.55
C ALA A 48 -43.82 -22.95 -3.09
N ASP A 49 -44.51 -23.68 -2.22
CA ASP A 49 -45.86 -23.28 -1.73
C ASP A 49 -45.82 -22.14 -0.72
N ASP A 50 -44.88 -22.23 0.23
CA ASP A 50 -44.66 -21.22 1.27
C ASP A 50 -43.31 -20.55 1.07
N GLY A 51 -43.34 -19.36 0.46
CA GLY A 51 -42.12 -18.58 0.26
C GLY A 51 -41.67 -17.94 1.54
N ASN A 52 -42.57 -17.80 2.51
CA ASN A 52 -42.25 -17.17 3.80
C ASN A 52 -41.19 -17.91 4.61
N ILE A 53 -40.98 -19.19 4.33
CA ILE A 53 -40.04 -19.97 5.10
C ILE A 53 -38.58 -19.42 4.90
N ILE A 54 -38.06 -19.47 3.65
CA ILE A 54 -36.74 -18.94 3.27
C ILE A 54 -36.54 -17.41 3.44
N ARG A 55 -37.55 -16.63 3.05
CA ARG A 55 -37.48 -15.16 3.08
C ARG A 55 -37.33 -14.64 4.48
N ASN A 56 -37.92 -15.36 5.41
CA ASN A 56 -37.74 -15.02 6.79
C ASN A 56 -36.36 -15.38 7.33
N LEU A 57 -35.87 -16.57 6.96
CA LEU A 57 -34.59 -17.10 7.43
C LEU A 57 -33.44 -16.20 6.96
N ALA A 58 -33.54 -15.77 5.70
CA ALA A 58 -32.60 -14.84 5.10
C ALA A 58 -32.49 -13.56 5.90
N LYS A 59 -33.63 -12.92 6.11
CA LYS A 59 -33.66 -11.66 6.85
C LYS A 59 -33.22 -11.85 8.30
N GLU A 60 -33.43 -13.06 8.82
CA GLU A 60 -33.02 -13.41 10.19
C GLU A 60 -31.48 -13.53 10.31
N LEU A 61 -30.86 -14.23 9.36
CA LEU A 61 -29.40 -14.45 9.35
C LEU A 61 -28.59 -13.38 8.58
N ARG A 62 -29.29 -12.38 8.02
CA ARG A 62 -28.66 -11.26 7.26
C ARG A 62 -28.06 -11.64 5.88
N THR A 63 -28.33 -12.86 5.41
CA THR A 63 -27.64 -13.44 4.24
C THR A 63 -28.62 -14.03 3.22
N ARG A 64 -28.30 -13.93 1.93
CA ARG A 64 -29.12 -14.58 0.89
C ARG A 64 -29.25 -16.07 1.17
N ILE A 65 -30.45 -16.59 0.97
CA ILE A 65 -30.67 -18.03 1.09
C ILE A 65 -31.47 -18.49 -0.10
N ALA A 66 -31.03 -19.56 -0.73
CA ALA A 66 -31.81 -20.28 -1.70
C ALA A 66 -32.02 -21.71 -1.23
N MET A 67 -33.17 -22.28 -1.56
CA MET A 67 -33.35 -23.71 -1.35
C MET A 67 -33.14 -24.41 -2.67
N ARG A 68 -32.67 -25.66 -2.66
CA ARG A 68 -32.63 -26.45 -3.88
C ARG A 68 -32.87 -27.91 -3.66
N PRO A 69 -33.27 -28.59 -4.72
CA PRO A 69 -33.61 -29.99 -4.59
C PRO A 69 -32.41 -30.79 -4.28
N ASP A 70 -32.55 -31.73 -3.34
CA ASP A 70 -31.54 -32.73 -3.11
C ASP A 70 -31.33 -33.43 -4.44
N PRO A 71 -30.07 -33.59 -4.87
CA PRO A 71 -29.78 -34.34 -6.09
C PRO A 71 -30.48 -35.68 -6.16
N ARG A 72 -30.74 -36.30 -5.02
CA ARG A 72 -31.43 -37.58 -5.01
C ARG A 72 -32.85 -37.52 -5.58
N VAL A 73 -33.41 -36.33 -5.64
CA VAL A 73 -34.75 -36.16 -6.25
C VAL A 73 -34.68 -35.42 -7.58
N LEU A 74 -33.48 -35.35 -8.15
CA LEU A 74 -33.29 -34.68 -9.45
C LEU A 74 -33.18 -35.72 -10.52
N ALA A 75 -33.96 -35.62 -11.59
CA ALA A 75 -33.77 -36.54 -12.72
C ALA A 75 -32.49 -36.19 -13.47
N THR A 76 -31.97 -37.16 -14.19
CA THR A 76 -30.83 -36.94 -15.06
C THR A 76 -31.32 -36.07 -16.19
N PRO A 77 -30.43 -35.26 -16.76
CA PRO A 77 -30.89 -34.43 -17.89
C PRO A 77 -31.59 -35.21 -19.01
N GLU A 78 -31.10 -36.40 -19.35
CA GLU A 78 -31.58 -37.12 -20.52
C GLU A 78 -32.99 -37.68 -20.28
N ASP A 79 -33.28 -38.06 -19.04
CA ASP A 79 -34.63 -38.48 -18.66
C ASP A 79 -35.56 -37.28 -18.46
N SER A 80 -35.00 -36.13 -18.07
CA SER A 80 -35.75 -34.88 -17.96
C SER A 80 -36.22 -34.35 -19.31
N ILE A 81 -35.30 -34.41 -20.29
CA ILE A 81 -35.59 -34.06 -21.68
C ILE A 81 -36.74 -34.89 -22.22
N SER A 82 -36.73 -36.19 -21.92
CA SER A 82 -37.77 -37.11 -22.38
C SER A 82 -39.06 -36.89 -21.64
N ILE A 83 -39.00 -36.71 -20.32
CA ILE A 83 -40.21 -36.43 -19.54
C ILE A 83 -40.85 -35.09 -19.97
N ILE A 84 -40.02 -34.06 -20.16
CA ILE A 84 -40.50 -32.78 -20.66
C ILE A 84 -41.16 -32.94 -22.05
N GLU A 85 -40.56 -33.74 -22.92
CA GLU A 85 -41.02 -33.86 -24.31
C GLU A 85 -42.35 -34.58 -24.44
N GLU A 86 -42.65 -35.49 -23.51
CA GLU A 86 -43.99 -36.11 -23.42
C GLU A 86 -44.97 -35.07 -22.90
N VAL A 87 -44.62 -34.44 -21.77
CA VAL A 87 -45.54 -33.55 -21.07
C VAL A 87 -45.95 -32.31 -21.88
N VAL A 88 -45.00 -31.74 -22.64
CA VAL A 88 -45.25 -30.51 -23.39
C VAL A 88 -45.77 -30.80 -24.81
N PRO A 89 -46.70 -29.95 -25.31
CA PRO A 89 -47.16 -30.01 -26.73
C PRO A 89 -46.01 -29.93 -27.74
N LYS A 90 -46.01 -30.83 -28.72
CA LYS A 90 -45.00 -30.84 -29.79
C LYS A 90 -44.72 -29.49 -30.50
N GLU A 91 -45.70 -28.59 -30.54
CA GLU A 91 -45.54 -27.32 -31.29
C GLU A 91 -45.04 -26.18 -30.41
N SER A 92 -44.71 -26.51 -29.16
CA SER A 92 -43.97 -25.61 -28.29
C SER A 92 -42.60 -25.29 -28.91
N VAL A 93 -42.05 -26.29 -29.61
CA VAL A 93 -40.86 -26.13 -30.46
C VAL A 93 -39.66 -25.73 -29.63
N ILE A 94 -39.20 -26.68 -28.81
CA ILE A 94 -38.09 -26.42 -27.92
C ILE A 94 -36.77 -26.51 -28.71
N SER A 95 -35.99 -25.45 -28.66
CA SER A 95 -34.69 -25.38 -29.31
C SER A 95 -33.65 -26.10 -28.45
N SER A 96 -33.47 -25.65 -27.22
CA SER A 96 -32.40 -26.15 -26.38
C SER A 96 -32.80 -26.36 -24.92
N TYR A 97 -31.91 -26.99 -24.16
CA TYR A 97 -32.05 -27.11 -22.70
C TYR A 97 -30.69 -26.84 -22.05
N TYR A 98 -30.69 -26.25 -20.87
CA TYR A 98 -29.47 -26.13 -20.07
C TYR A 98 -29.76 -26.30 -18.59
N PHE A 99 -29.19 -27.35 -18.03
CA PHE A 99 -29.40 -27.72 -16.65
C PHE A 99 -28.33 -27.03 -15.79
N ASP A 100 -28.66 -25.84 -15.29
CA ASP A 100 -27.75 -25.06 -14.46
C ASP A 100 -27.36 -25.87 -13.23
N PRO A 101 -26.08 -26.07 -13.01
CA PRO A 101 -25.73 -26.70 -11.74
C PRO A 101 -25.48 -25.71 -10.61
N ASP A 102 -25.60 -24.42 -10.87
CA ASP A 102 -25.47 -23.48 -9.78
C ASP A 102 -26.79 -23.34 -9.05
N SER A 103 -27.89 -23.82 -9.63
CA SER A 103 -29.23 -23.50 -9.07
C SER A 103 -30.37 -24.54 -9.16
N GLY A 104 -30.12 -25.75 -9.65
CA GLY A 104 -31.17 -26.74 -9.75
C GLY A 104 -32.37 -26.27 -10.57
N GLU A 105 -32.11 -25.37 -11.52
CA GLU A 105 -33.10 -24.88 -12.47
C GLU A 105 -32.71 -25.38 -13.83
N VAL A 106 -33.69 -25.62 -14.68
CA VAL A 106 -33.44 -25.91 -16.10
C VAL A 106 -34.03 -24.79 -16.95
N ILE A 107 -33.18 -24.18 -17.78
CA ILE A 107 -33.63 -23.17 -18.72
C ILE A 107 -34.04 -23.90 -19.98
N ILE A 108 -35.28 -23.67 -20.41
CA ILE A 108 -35.83 -24.27 -21.62
C ILE A 108 -36.04 -23.17 -22.64
N GLU A 109 -35.47 -23.33 -23.82
CA GLU A 109 -35.65 -22.36 -24.90
C GLU A 109 -36.72 -22.84 -25.86
N ALA A 110 -37.79 -22.05 -25.98
CA ALA A 110 -38.93 -22.45 -26.79
C ALA A 110 -39.32 -21.34 -27.73
N GLU A 111 -39.70 -21.72 -28.95
CA GLU A 111 -40.23 -20.77 -29.91
C GLU A 111 -41.56 -20.22 -29.40
N LYS A 112 -42.39 -21.10 -28.84
CA LYS A 112 -43.67 -20.72 -28.22
C LYS A 112 -43.64 -21.05 -26.72
N PRO A 113 -43.16 -20.11 -25.88
CA PRO A 113 -42.95 -20.37 -24.44
C PRO A 113 -44.20 -20.55 -23.58
N GLY A 114 -45.33 -19.99 -24.01
CA GLY A 114 -46.56 -20.12 -23.25
C GLY A 114 -47.06 -21.56 -23.19
N LEU A 115 -46.77 -22.34 -24.22
CA LEU A 115 -47.26 -23.70 -24.31
C LEU A 115 -46.55 -24.61 -23.31
N VAL A 116 -45.29 -24.31 -23.02
CA VAL A 116 -44.53 -25.06 -22.02
C VAL A 116 -44.92 -24.71 -20.57
N ILE A 117 -45.30 -23.44 -20.30
CA ILE A 117 -45.74 -23.02 -18.96
C ILE A 117 -47.14 -23.53 -18.58
N GLY A 118 -48.02 -23.71 -19.55
CA GLY A 118 -49.38 -24.15 -19.26
C GLY A 118 -50.26 -23.00 -18.81
N LYS A 119 -51.48 -23.32 -18.35
CA LYS A 119 -52.55 -22.34 -18.20
C LYS A 119 -52.25 -21.25 -17.16
N HIS A 120 -51.91 -21.65 -15.93
CA HIS A 120 -51.49 -20.69 -14.90
C HIS A 120 -50.17 -21.13 -14.27
N GLY A 121 -49.37 -21.86 -15.04
CA GLY A 121 -48.20 -22.53 -14.53
C GLY A 121 -48.43 -24.02 -14.39
N ALA A 122 -49.64 -24.47 -14.71
CA ALA A 122 -50.02 -25.87 -14.57
C ALA A 122 -48.94 -26.82 -15.09
N THR A 123 -48.45 -26.59 -16.31
CA THR A 123 -47.52 -27.53 -16.97
C THR A 123 -46.09 -27.48 -16.41
N LEU A 124 -45.67 -26.29 -15.99
CA LEU A 124 -44.42 -26.10 -15.29
C LEU A 124 -44.42 -26.83 -13.95
N ARG A 125 -45.60 -26.90 -13.35
CA ARG A 125 -45.79 -27.56 -12.05
C ARG A 125 -45.67 -29.07 -12.20
N GLU A 126 -46.36 -29.59 -13.21
CA GLU A 126 -46.28 -31.02 -13.58
C GLU A 126 -44.85 -31.45 -13.99
N ILE A 127 -44.08 -30.56 -14.62
CA ILE A 127 -42.74 -30.91 -15.02
C ILE A 127 -41.83 -31.00 -13.78
N THR A 128 -41.90 -30.01 -12.91
CA THR A 128 -41.13 -30.09 -11.67
C THR A 128 -41.51 -31.33 -10.87
N LYS A 129 -42.81 -31.63 -10.81
CA LYS A 129 -43.27 -32.80 -10.03
C LYS A 129 -42.55 -34.06 -10.49
N GLN A 130 -42.49 -34.24 -11.81
CA GLN A 130 -41.87 -35.42 -12.42
C GLN A 130 -40.34 -35.42 -12.48
N ILE A 131 -39.71 -34.23 -12.58
CA ILE A 131 -38.25 -34.13 -12.81
C ILE A 131 -37.43 -33.36 -11.74
N GLY A 132 -38.10 -32.68 -10.82
CA GLY A 132 -37.43 -32.04 -9.68
C GLY A 132 -36.83 -30.68 -10.01
N TRP A 133 -36.05 -30.65 -11.08
CA TRP A 133 -35.51 -29.41 -11.66
C TRP A 133 -36.61 -28.37 -11.78
N ILE A 134 -36.27 -27.10 -11.58
CA ILE A 134 -37.22 -26.00 -11.75
C ILE A 134 -37.10 -25.40 -13.15
N PRO A 135 -38.16 -25.48 -13.98
CA PRO A 135 -38.10 -24.92 -15.35
C PRO A 135 -38.25 -23.39 -15.45
N LYS A 136 -37.28 -22.75 -16.08
CA LYS A 136 -37.35 -21.31 -16.39
C LYS A 136 -37.45 -21.25 -17.91
N VAL A 137 -38.61 -20.86 -18.42
CA VAL A 137 -38.79 -20.87 -19.86
C VAL A 137 -38.44 -19.50 -20.44
N VAL A 138 -37.82 -19.53 -21.62
CA VAL A 138 -37.26 -18.34 -22.26
C VAL A 138 -37.47 -18.46 -23.74
N ARG A 139 -37.70 -17.34 -24.39
CA ARG A 139 -38.00 -17.31 -25.82
C ARG A 139 -36.72 -17.58 -26.60
N THR A 140 -36.80 -18.44 -27.61
CA THR A 140 -35.62 -18.86 -28.37
C THR A 140 -34.94 -17.70 -29.09
N PRO A 141 -33.67 -17.44 -28.74
CA PRO A 141 -32.97 -16.34 -29.38
C PRO A 141 -32.82 -16.49 -30.90
N PRO A 142 -33.03 -15.39 -31.64
CA PRO A 142 -32.98 -15.42 -33.10
C PRO A 142 -31.63 -15.80 -33.66
N ILE A 143 -30.59 -15.16 -33.19
CA ILE A 143 -29.29 -15.50 -33.68
C ILE A 143 -28.83 -16.62 -32.77
N LYS A 144 -28.06 -17.53 -33.35
CA LYS A 144 -27.54 -18.62 -32.58
C LYS A 144 -26.15 -18.22 -32.14
N SER A 145 -25.92 -18.15 -30.82
CA SER A 145 -24.58 -17.90 -30.31
C SER A 145 -23.86 -19.20 -30.06
N ARG A 146 -22.84 -19.45 -30.85
CA ARG A 146 -22.01 -20.63 -30.71
C ARG A 146 -21.19 -20.57 -29.39
N THR A 147 -20.88 -19.37 -28.93
CA THR A 147 -20.12 -19.20 -27.69
C THR A 147 -20.99 -19.58 -26.51
N VAL A 148 -22.21 -19.07 -26.46
CA VAL A 148 -23.12 -19.38 -25.37
C VAL A 148 -23.28 -20.90 -25.28
N LYS A 149 -23.45 -21.57 -26.40
CA LYS A 149 -23.62 -23.03 -26.40
C LYS A 149 -22.36 -23.75 -25.95
N ASN A 150 -21.19 -23.33 -26.42
CA ASN A 150 -19.94 -23.94 -25.97
C ASN A 150 -19.69 -23.80 -24.45
N ILE A 151 -20.01 -22.64 -23.92
CA ILE A 151 -19.91 -22.42 -22.49
C ILE A 151 -20.84 -23.36 -21.72
N ARG A 152 -22.10 -23.43 -22.15
CA ARG A 152 -23.07 -24.34 -21.47
C ARG A 152 -22.58 -25.78 -21.44
N GLU A 153 -22.08 -26.27 -22.57
CA GLU A 153 -21.54 -27.63 -22.63
C GLU A 153 -20.32 -27.86 -21.74
N PHE A 154 -19.47 -26.84 -21.69
CA PHE A 154 -18.28 -26.86 -20.84
C PHE A 154 -18.63 -26.88 -19.33
N MET A 155 -19.65 -26.12 -18.94
CA MET A 155 -20.11 -26.13 -17.54
C MET A 155 -20.64 -27.53 -17.11
N ARG A 156 -21.44 -28.16 -17.98
CA ARG A 156 -21.90 -29.53 -17.75
C ARG A 156 -20.71 -30.51 -17.63
N ASN A 157 -19.76 -30.42 -18.54
CA ASN A 157 -18.62 -31.31 -18.48
C ASN A 157 -17.74 -31.17 -17.22
N ASN A 158 -17.91 -30.08 -16.48
CA ASN A 158 -17.08 -29.74 -15.33
C ASN A 158 -17.88 -29.50 -14.03
N LEU A 159 -19.09 -30.06 -13.97
CA LEU A 159 -19.98 -29.91 -12.82
C LEU A 159 -19.34 -30.22 -11.44
N LYS A 160 -18.53 -31.26 -11.35
CA LYS A 160 -17.99 -31.62 -10.04
C LYS A 160 -17.00 -30.61 -9.51
N GLU A 161 -16.11 -30.15 -10.36
CA GLU A 161 -15.11 -29.18 -9.92
C GLU A 161 -15.83 -27.88 -9.59
N ARG A 162 -16.86 -27.59 -10.36
CA ARG A 162 -17.61 -26.36 -10.19
C ARG A 162 -18.28 -26.29 -8.85
N LYS A 163 -19.00 -27.32 -8.49
CA LYS A 163 -19.68 -27.37 -7.24
C LYS A 163 -18.65 -27.20 -6.13
N GLU A 164 -17.50 -27.84 -6.27
CA GLU A 164 -16.46 -27.79 -5.24
C GLU A 164 -15.85 -26.36 -5.11
N ILE A 165 -15.63 -25.68 -6.23
CA ILE A 165 -15.16 -24.31 -6.17
C ILE A 165 -16.20 -23.36 -5.54
N LEU A 166 -17.49 -23.61 -5.79
CA LEU A 166 -18.53 -22.80 -5.13
C LEU A 166 -18.56 -23.05 -3.64
N LYS A 167 -18.34 -24.29 -3.23
CA LYS A 167 -18.27 -24.58 -1.82
C LYS A 167 -17.13 -23.79 -1.19
N THR A 168 -15.98 -23.78 -1.86
CA THR A 168 -14.76 -23.25 -1.26
C THR A 168 -14.88 -21.75 -1.12
N VAL A 169 -15.26 -21.11 -2.22
CA VAL A 169 -15.56 -19.69 -2.25
C VAL A 169 -16.63 -19.31 -1.23
N GLY A 170 -17.66 -20.13 -1.13
CA GLY A 170 -18.71 -19.88 -0.19
C GLY A 170 -18.25 -19.82 1.25
N ARG A 171 -17.57 -20.86 1.71
CA ARG A 171 -17.09 -20.95 3.10
C ARG A 171 -16.12 -19.80 3.46
N LYS A 172 -15.47 -19.27 2.45
CA LYS A 172 -14.51 -18.23 2.63
C LYS A 172 -15.23 -16.89 2.83
N ILE A 173 -16.30 -16.66 2.04
CA ILE A 173 -17.19 -15.50 2.19
C ILE A 173 -17.80 -15.42 3.58
N HIS A 174 -18.16 -16.56 4.15
CA HIS A 174 -18.83 -16.67 5.47
C HIS A 174 -17.89 -17.00 6.61
N ARG A 175 -16.59 -16.79 6.42
CA ARG A 175 -15.68 -16.84 7.55
C ARG A 175 -16.03 -15.67 8.48
N GLU A 176 -15.68 -15.77 9.75
CA GLU A 176 -15.99 -14.70 10.69
C GLU A 176 -14.91 -13.60 10.64
N CYS A 177 -15.33 -12.36 11.00
CA CYS A 177 -14.46 -11.19 11.04
C CYS A 177 -13.46 -11.35 12.18
N THR A 178 -12.26 -10.78 12.04
CA THR A 178 -11.20 -10.94 13.06
C THR A 178 -10.44 -9.67 13.46
N SER A 179 -10.69 -8.55 12.81
CA SER A 179 -10.04 -7.32 13.22
C SER A 179 -10.94 -6.41 14.04
N LYS A 180 -10.34 -5.80 15.05
CA LYS A 180 -10.95 -4.69 15.78
C LYS A 180 -10.67 -3.33 15.13
N ASP A 181 -10.17 -3.32 13.89
CA ASP A 181 -9.87 -2.07 13.18
C ASP A 181 -10.89 -1.93 12.08
N GLN A 182 -11.16 -0.69 11.70
CA GLN A 182 -11.91 -0.41 10.48
C GLN A 182 -11.22 0.65 9.67
N TRP A 183 -11.03 0.32 8.40
CA TRP A 183 -10.58 1.26 7.41
C TRP A 183 -10.87 0.67 6.03
N VAL A 184 -10.90 1.55 5.06
CA VAL A 184 -11.03 1.20 3.68
C VAL A 184 -9.98 2.00 2.92
N ARG A 185 -9.35 1.36 1.93
CA ARG A 185 -8.47 2.05 1.01
C ARG A 185 -8.44 1.41 -0.39
N VAL A 186 -7.96 2.16 -1.38
CA VAL A 186 -7.90 1.74 -2.77
C VAL A 186 -6.50 1.90 -3.25
N THR A 187 -5.91 0.82 -3.75
CA THR A 187 -4.60 0.88 -4.40
C THR A 187 -4.79 0.75 -5.91
N ALA A 188 -4.08 1.54 -6.68
CA ALA A 188 -4.16 1.47 -8.13
C ALA A 188 -2.97 0.66 -8.68
N LEU A 189 -3.24 -0.29 -9.56
CA LEU A 189 -2.21 -1.13 -10.14
C LEU A 189 -2.08 -0.98 -11.65
N GLY A 190 -2.97 -0.19 -12.25
CA GLY A 190 -2.89 0.20 -13.66
C GLY A 190 -4.18 0.95 -14.00
N GLY A 191 -4.18 1.70 -15.10
CA GLY A 191 -5.37 2.42 -15.54
C GLY A 191 -5.50 3.83 -15.01
N CYS A 192 -4.37 4.39 -14.57
CA CYS A 192 -4.35 5.70 -13.96
C CYS A 192 -3.43 6.60 -14.77
N LYS A 193 -3.96 7.77 -15.14
CA LYS A 193 -3.27 8.67 -16.04
C LYS A 193 -2.92 7.96 -17.32
N GLU A 194 -3.69 6.94 -17.65
CA GLU A 194 -3.53 6.20 -18.89
C GLU A 194 -4.87 5.54 -19.16
N VAL A 195 -5.11 5.25 -20.44
CA VAL A 195 -6.15 4.32 -20.84
C VAL A 195 -5.42 2.99 -20.96
N GLY A 196 -5.97 1.93 -20.40
CA GLY A 196 -5.30 0.65 -20.51
C GLY A 196 -4.93 0.10 -19.14
N ARG A 197 -4.98 -1.24 -19.08
CA ARG A 197 -4.60 -2.09 -17.96
C ARG A 197 -5.17 -1.66 -16.64
N SER A 198 -6.43 -1.25 -16.68
CA SER A 198 -7.21 -1.01 -15.47
C SER A 198 -7.06 -2.20 -14.56
N CYS A 199 -6.91 -1.90 -13.27
CA CYS A 199 -6.76 -2.91 -12.22
C CYS A 199 -6.63 -2.12 -10.90
N PHE A 200 -7.56 -2.29 -9.98
CA PHE A 200 -7.61 -1.54 -8.71
C PHE A 200 -7.79 -2.51 -7.55
N LEU A 201 -7.24 -2.23 -6.39
CA LEU A 201 -7.45 -3.09 -5.23
C LEU A 201 -8.22 -2.31 -4.17
N LEU A 202 -9.37 -2.84 -3.77
CA LEU A 202 -10.16 -2.26 -2.69
C LEU A 202 -9.91 -3.15 -1.51
N SER A 203 -9.49 -2.56 -0.39
CA SER A 203 -9.11 -3.36 0.74
C SER A 203 -9.64 -2.87 2.07
N THR A 204 -9.82 -3.82 2.97
CA THR A 204 -10.24 -3.54 4.32
C THR A 204 -9.35 -4.41 5.15
N PRO A 205 -9.47 -4.34 6.48
CA PRO A 205 -8.65 -5.23 7.27
C PRO A 205 -8.97 -6.73 7.07
N GLU A 206 -10.16 -7.05 6.62
CA GLU A 206 -10.59 -8.42 6.39
C GLU A 206 -10.53 -8.82 4.93
N SER A 207 -10.53 -7.84 4.03
CA SER A 207 -10.80 -8.18 2.65
C SER A 207 -10.03 -7.43 1.63
N ARG A 208 -9.76 -8.12 0.54
CA ARG A 208 -9.06 -7.55 -0.59
C ARG A 208 -9.85 -7.96 -1.82
N ILE A 209 -10.28 -6.96 -2.58
CA ILE A 209 -11.06 -7.13 -3.79
C ILE A 209 -10.32 -6.43 -4.94
N LEU A 210 -10.18 -7.13 -6.05
CA LEU A 210 -9.54 -6.61 -7.24
C LEU A 210 -10.64 -6.17 -8.22
N ILE A 211 -10.66 -4.93 -8.60
CA ILE A 211 -11.60 -4.56 -9.60
C ILE A 211 -10.85 -4.45 -10.92
N ASP A 212 -11.22 -5.26 -11.89
CA ASP A 212 -10.61 -5.31 -13.23
C ASP A 212 -9.16 -5.80 -13.24
N CYS A 213 -8.74 -6.31 -14.39
CA CYS A 213 -7.35 -6.64 -14.59
C CYS A 213 -7.00 -6.70 -16.06
N GLY A 214 -6.81 -5.53 -16.67
CA GLY A 214 -6.83 -5.39 -18.13
C GLY A 214 -5.49 -5.54 -18.80
N VAL A 215 -5.52 -5.71 -20.14
CA VAL A 215 -4.31 -5.63 -20.95
C VAL A 215 -4.02 -4.15 -21.25
N ASN A 216 -2.79 -3.84 -21.64
CA ASN A 216 -2.45 -2.48 -22.02
C ASN A 216 -2.98 -2.18 -23.40
N VAL A 217 -3.26 -0.90 -23.61
CA VAL A 217 -3.70 -0.34 -24.87
C VAL A 217 -2.67 0.73 -25.14
N GLY A 218 -1.95 0.61 -26.26
CA GLY A 218 -0.93 1.61 -26.59
C GLY A 218 0.28 1.04 -27.29
N SER A 219 1.41 1.75 -27.20
CA SER A 219 2.63 1.36 -27.93
C SER A 219 3.05 -0.07 -27.59
N ASP A 220 3.17 -0.35 -26.29
CA ASP A 220 3.64 -1.66 -25.83
C ASP A 220 2.50 -2.53 -25.32
N GLU A 221 2.28 -3.63 -26.04
CA GLU A 221 1.19 -4.57 -25.74
C GLU A 221 1.49 -5.46 -24.55
N ASN A 222 2.77 -5.79 -24.33
CA ASN A 222 3.16 -6.73 -23.27
C ASN A 222 2.93 -6.18 -21.86
N MET A 223 2.95 -4.85 -21.71
CA MET A 223 2.75 -4.16 -20.43
C MET A 223 1.49 -4.64 -19.65
N THR A 224 1.70 -5.06 -18.42
CA THR A 224 0.61 -5.50 -17.58
C THR A 224 0.42 -4.48 -16.48
N PRO A 225 -0.67 -4.60 -15.73
CA PRO A 225 -0.70 -3.94 -14.42
C PRO A 225 0.43 -4.44 -13.48
N TYR A 226 0.78 -3.64 -12.50
CA TYR A 226 1.78 -4.01 -11.52
C TYR A 226 1.22 -5.11 -10.59
N LEU A 227 1.18 -6.35 -11.09
CA LEU A 227 0.68 -7.46 -10.30
C LEU A 227 1.72 -8.11 -9.39
N TYR A 228 2.94 -7.63 -9.32
CA TYR A 228 3.96 -8.39 -8.62
C TYR A 228 4.30 -7.76 -7.25
N VAL A 229 3.50 -6.83 -6.80
CA VAL A 229 3.79 -6.06 -5.60
C VAL A 229 3.15 -6.67 -4.37
N PRO A 230 3.71 -6.39 -3.19
CA PRO A 230 3.18 -6.95 -1.94
C PRO A 230 1.64 -6.87 -1.74
N GLU A 231 0.96 -5.89 -2.32
CA GLU A 231 -0.48 -5.71 -2.13
C GLU A 231 -1.29 -6.72 -2.94
N VAL A 232 -0.65 -7.39 -3.87
CA VAL A 232 -1.36 -8.37 -4.67
C VAL A 232 -0.77 -9.80 -4.53
N PHE A 233 0.52 -9.92 -4.32
CA PHE A 233 1.14 -11.21 -3.97
C PHE A 233 1.26 -11.39 -2.45
N PRO A 234 0.75 -12.51 -1.89
CA PRO A 234 0.33 -13.71 -2.64
C PRO A 234 -1.11 -13.62 -3.08
N LEU A 235 -1.37 -14.03 -4.31
CA LEU A 235 -2.70 -13.97 -4.89
C LEU A 235 -3.82 -14.68 -4.13
N ASN A 236 -3.50 -15.64 -3.26
CA ASN A 236 -4.50 -16.23 -2.38
C ASN A 236 -5.11 -15.22 -1.36
N GLN A 237 -4.42 -14.13 -1.12
CA GLN A 237 -4.98 -13.12 -0.24
C GLN A 237 -6.17 -12.36 -0.88
N ILE A 238 -6.44 -12.62 -2.17
CA ILE A 238 -7.49 -11.92 -2.85
C ILE A 238 -8.84 -12.63 -2.71
N ASP A 239 -9.79 -11.99 -2.05
CA ASP A 239 -11.11 -12.56 -1.88
C ASP A 239 -11.87 -12.70 -3.20
N ALA A 240 -11.78 -11.69 -4.07
CA ALA A 240 -12.55 -11.67 -5.31
C ALA A 240 -12.01 -10.75 -6.41
N VAL A 241 -12.34 -11.09 -7.66
CA VAL A 241 -12.01 -10.25 -8.79
C VAL A 241 -13.35 -9.81 -9.34
N ILE A 242 -13.52 -8.51 -9.57
CA ILE A 242 -14.71 -8.05 -10.26
C ILE A 242 -14.32 -7.54 -11.65
N VAL A 243 -15.08 -7.96 -12.65
CA VAL A 243 -14.92 -7.51 -14.03
C VAL A 243 -16.11 -6.62 -14.42
N THR A 244 -15.85 -5.36 -14.58
CA THR A 244 -16.86 -4.35 -14.78
C THR A 244 -17.55 -4.52 -16.14
N HIS A 245 -16.76 -4.82 -17.16
CA HIS A 245 -17.31 -5.09 -18.48
C HIS A 245 -16.30 -5.85 -19.32
N ALA A 246 -16.72 -6.28 -20.51
CA ALA A 246 -16.01 -7.32 -21.21
C ALA A 246 -14.80 -6.84 -22.01
N HIS A 247 -14.59 -5.55 -22.11
CA HIS A 247 -13.48 -5.04 -22.89
C HIS A 247 -12.15 -5.58 -22.41
N LEU A 248 -11.28 -5.91 -23.35
CA LEU A 248 -9.95 -6.46 -23.06
C LEU A 248 -9.12 -5.62 -22.11
N ASP A 249 -9.29 -4.32 -22.17
CA ASP A 249 -8.56 -3.40 -21.30
C ASP A 249 -9.14 -3.43 -19.91
N HIS A 250 -10.06 -4.34 -19.61
CA HIS A 250 -10.54 -4.54 -18.21
C HIS A 250 -10.56 -5.95 -17.70
N GLN A 251 -10.64 -6.95 -18.60
CA GLN A 251 -10.68 -8.38 -18.22
C GLN A 251 -9.53 -9.20 -18.81
N GLY A 252 -8.80 -8.62 -19.77
CA GLY A 252 -7.91 -9.40 -20.59
C GLY A 252 -6.80 -10.15 -19.92
N LEU A 253 -6.41 -9.76 -18.71
CA LEU A 253 -5.36 -10.45 -17.97
C LEU A 253 -5.88 -11.13 -16.75
N VAL A 254 -7.19 -11.17 -16.60
CA VAL A 254 -7.77 -11.97 -15.54
C VAL A 254 -7.27 -13.39 -15.62
N PRO A 255 -7.12 -13.98 -16.80
CA PRO A 255 -6.59 -15.33 -16.76
C PRO A 255 -5.15 -15.42 -16.32
N LEU A 256 -4.39 -14.34 -16.39
CA LEU A 256 -3.00 -14.32 -15.89
C LEU A 256 -2.98 -14.52 -14.37
N LEU A 257 -3.97 -13.96 -13.67
CA LEU A 257 -4.13 -14.15 -12.25
C LEU A 257 -4.20 -15.66 -11.93
N PHE A 258 -5.01 -16.39 -12.69
CA PHE A 258 -5.11 -17.81 -12.48
C PHE A 258 -3.85 -18.55 -12.81
N LYS A 259 -3.14 -18.09 -13.85
CA LYS A 259 -1.87 -18.69 -14.19
C LYS A 259 -0.92 -18.58 -13.00
N TYR A 260 -0.97 -17.45 -12.31
CA TYR A 260 -0.11 -17.16 -11.17
C TYR A 260 -0.69 -17.59 -9.82
N GLY A 261 -1.71 -18.46 -9.82
CA GLY A 261 -2.19 -19.13 -8.59
C GLY A 261 -3.39 -18.55 -7.86
N TYR A 262 -4.11 -17.63 -8.49
CA TYR A 262 -5.41 -17.21 -7.96
C TYR A 262 -6.44 -18.31 -8.10
N GLU A 263 -7.25 -18.49 -7.07
CA GLU A 263 -8.23 -19.54 -7.06
C GLU A 263 -9.62 -19.16 -6.49
N GLY A 264 -9.88 -17.87 -6.37
CA GLY A 264 -11.17 -17.39 -5.94
C GLY A 264 -12.05 -17.05 -7.12
N PRO A 265 -13.18 -16.38 -6.86
CA PRO A 265 -14.18 -16.08 -7.86
C PRO A 265 -13.87 -14.87 -8.72
N VAL A 266 -14.49 -14.82 -9.89
CA VAL A 266 -14.52 -13.64 -10.75
C VAL A 266 -16.01 -13.31 -10.82
N TYR A 267 -16.39 -12.08 -10.42
CA TYR A 267 -17.82 -11.68 -10.47
C TYR A 267 -18.06 -10.69 -11.58
N CYS A 268 -19.09 -10.89 -12.37
CA CYS A 268 -19.45 -9.98 -13.45
C CYS A 268 -20.89 -10.26 -13.88
N THR A 269 -21.42 -9.47 -14.81
CA THR A 269 -22.80 -9.70 -15.30
C THR A 269 -22.83 -10.88 -16.27
N PRO A 270 -24.01 -11.45 -16.52
CA PRO A 270 -24.03 -12.64 -17.39
C PRO A 270 -23.52 -12.38 -18.83
N PRO A 271 -23.90 -11.25 -19.43
CA PRO A 271 -23.38 -10.99 -20.75
C PRO A 271 -21.86 -10.76 -20.75
N THR A 272 -21.32 -10.08 -19.73
CA THR A 272 -19.88 -9.94 -19.61
C THR A 272 -19.22 -11.32 -19.64
N ARG A 273 -19.79 -12.26 -18.92
CA ARG A 273 -19.20 -13.57 -18.84
C ARG A 273 -18.95 -14.10 -20.24
N ASP A 274 -20.01 -14.08 -21.04
CA ASP A 274 -19.99 -14.64 -22.39
C ASP A 274 -19.03 -13.90 -23.29
N LEU A 275 -19.02 -12.57 -23.20
CA LEU A 275 -18.14 -11.71 -24.03
C LEU A 275 -16.68 -11.86 -23.65
N MET A 276 -16.44 -11.92 -22.35
CA MET A 276 -15.11 -12.16 -21.82
C MET A 276 -14.47 -13.41 -22.37
N VAL A 277 -15.21 -14.52 -22.41
CA VAL A 277 -14.66 -15.76 -22.92
C VAL A 277 -14.37 -15.63 -24.39
N LEU A 278 -15.30 -15.03 -25.11
CA LEU A 278 -15.13 -14.83 -26.55
C LEU A 278 -13.87 -14.04 -26.82
N LEU A 279 -13.78 -12.85 -26.23
CA LEU A 279 -12.68 -11.96 -26.47
C LEU A 279 -11.33 -12.47 -25.98
N GLN A 280 -11.30 -13.24 -24.90
CA GLN A 280 -10.05 -13.79 -24.38
C GLN A 280 -9.50 -14.88 -25.28
N LEU A 281 -10.35 -15.80 -25.73
CA LEU A 281 -9.87 -16.87 -26.60
C LEU A 281 -9.36 -16.23 -27.86
N ASP A 282 -10.06 -15.22 -28.34
CA ASP A 282 -9.68 -14.52 -29.55
C ASP A 282 -8.36 -13.77 -29.38
N TYR A 283 -8.21 -13.11 -28.24
CA TYR A 283 -6.99 -12.36 -27.96
C TYR A 283 -5.79 -13.28 -28.17
N ILE A 284 -5.75 -14.40 -27.45
CA ILE A 284 -4.57 -15.27 -27.51
C ILE A 284 -4.43 -16.00 -28.84
N ASP A 285 -5.54 -16.18 -29.55
CA ASP A 285 -5.47 -16.85 -30.84
C ASP A 285 -4.82 -15.93 -31.86
N VAL A 286 -5.32 -14.70 -31.94
CA VAL A 286 -4.74 -13.67 -32.79
C VAL A 286 -3.28 -13.36 -32.46
N ALA A 287 -2.96 -13.34 -31.17
CA ALA A 287 -1.59 -13.09 -30.74
C ALA A 287 -0.64 -14.15 -31.26
N ALA A 288 -1.13 -15.39 -31.40
CA ALA A 288 -0.34 -16.48 -31.95
C ALA A 288 -0.05 -16.28 -33.42
N LYS A 289 -1.09 -15.95 -34.19
CA LYS A 289 -0.99 -15.85 -35.65
C LYS A 289 -0.14 -14.64 -36.05
N GLU A 290 -0.30 -13.54 -35.33
CA GLU A 290 0.43 -12.31 -35.61
C GLU A 290 1.85 -12.35 -35.06
N GLY A 291 2.10 -13.23 -34.10
CA GLY A 291 3.48 -13.49 -33.65
C GLY A 291 3.94 -12.63 -32.49
N LYS A 292 2.99 -12.23 -31.65
CA LYS A 292 3.29 -11.41 -30.48
C LYS A 292 3.38 -12.33 -29.27
N LYS A 293 3.64 -11.76 -28.10
CA LYS A 293 3.77 -12.55 -26.88
C LYS A 293 2.36 -12.98 -26.44
N ILE A 294 2.27 -14.24 -26.00
CA ILE A 294 1.02 -14.88 -25.57
C ILE A 294 1.10 -14.93 -24.05
N PRO A 295 0.26 -14.19 -23.32
CA PRO A 295 0.44 -14.12 -21.86
C PRO A 295 -0.05 -15.35 -21.09
N TYR A 296 -1.09 -16.00 -21.59
CA TYR A 296 -1.56 -17.27 -21.06
C TYR A 296 -2.07 -18.17 -22.17
N GLU A 297 -2.23 -19.46 -21.84
CA GLU A 297 -2.84 -20.42 -22.77
C GLU A 297 -4.35 -20.52 -22.56
N SER A 298 -5.03 -21.20 -23.48
CA SER A 298 -6.51 -21.29 -23.45
C SER A 298 -7.03 -22.01 -22.24
N GLY A 299 -6.24 -22.95 -21.71
CA GLY A 299 -6.55 -23.60 -20.45
C GLY A 299 -6.84 -22.66 -19.28
N MET A 300 -6.25 -21.46 -19.32
CA MET A 300 -6.46 -20.47 -18.28
C MET A 300 -7.77 -19.69 -18.44
N VAL A 301 -8.25 -19.64 -19.66
CA VAL A 301 -9.57 -19.10 -19.93
C VAL A 301 -10.60 -20.08 -19.41
N ALA A 302 -10.38 -21.37 -19.62
CA ALA A 302 -11.24 -22.38 -19.02
C ALA A 302 -11.29 -22.22 -17.49
N LYS A 303 -10.12 -22.07 -16.87
CA LYS A 303 -10.04 -22.04 -15.42
C LYS A 303 -10.79 -20.84 -14.94
N THR A 304 -10.67 -19.73 -15.66
CA THR A 304 -11.37 -18.50 -15.31
C THR A 304 -12.88 -18.68 -15.37
N LEU A 305 -13.33 -19.42 -16.37
CA LEU A 305 -14.76 -19.55 -16.56
C LEU A 305 -15.34 -20.43 -15.46
N LYS A 306 -14.58 -21.46 -15.04
CA LYS A 306 -14.98 -22.32 -13.93
C LYS A 306 -15.11 -21.55 -12.66
N HIS A 307 -14.39 -20.43 -12.54
CA HIS A 307 -14.47 -19.62 -11.37
C HIS A 307 -15.34 -18.38 -11.51
N THR A 308 -16.03 -18.22 -12.65
CA THR A 308 -16.83 -17.02 -12.85
C THR A 308 -18.20 -17.19 -12.25
N ILE A 309 -18.66 -16.18 -11.52
CA ILE A 309 -20.01 -16.22 -10.91
C ILE A 309 -20.89 -15.05 -11.35
N PRO A 310 -21.80 -15.28 -12.27
CA PRO A 310 -22.54 -14.13 -12.79
C PRO A 310 -23.57 -13.57 -11.81
N LEU A 311 -23.70 -12.25 -11.79
CA LEU A 311 -24.68 -11.55 -11.00
C LEU A 311 -25.43 -10.59 -11.87
N ASP A 312 -26.73 -10.53 -11.70
CA ASP A 312 -27.54 -9.60 -12.46
C ASP A 312 -27.45 -8.24 -11.78
N TYR A 313 -27.76 -7.19 -12.53
CA TYR A 313 -27.99 -5.87 -11.97
C TYR A 313 -28.92 -5.85 -10.75
N GLU A 314 -28.61 -5.03 -9.77
CA GLU A 314 -29.47 -4.81 -8.60
C GLU A 314 -29.55 -5.97 -7.61
N GLU A 315 -28.75 -7.01 -7.85
CA GLU A 315 -28.64 -8.19 -6.98
C GLU A 315 -27.58 -7.86 -5.90
N VAL A 316 -28.00 -7.52 -4.69
CA VAL A 316 -27.06 -7.27 -3.59
C VAL A 316 -26.45 -8.55 -3.04
N THR A 317 -25.12 -8.63 -3.13
CA THR A 317 -24.41 -9.88 -3.07
C THR A 317 -23.29 -9.76 -2.10
N ASP A 318 -23.31 -10.56 -1.03
CA ASP A 318 -22.18 -10.65 -0.06
C ASP A 318 -20.98 -11.31 -0.74
N ILE A 319 -19.90 -10.55 -1.04
CA ILE A 319 -18.70 -11.13 -1.68
C ILE A 319 -17.57 -11.34 -0.68
N ALA A 320 -17.78 -10.89 0.55
CA ALA A 320 -16.77 -10.95 1.59
C ALA A 320 -17.45 -10.69 2.92
N PRO A 321 -16.79 -11.05 4.04
CA PRO A 321 -17.45 -10.92 5.33
C PRO A 321 -17.96 -9.53 5.59
N ASP A 322 -17.36 -8.52 4.95
CA ASP A 322 -17.72 -7.13 5.21
C ASP A 322 -17.94 -6.31 3.96
N ILE A 323 -18.19 -6.95 2.83
CA ILE A 323 -18.39 -6.22 1.59
C ILE A 323 -19.61 -6.80 0.90
N LYS A 324 -20.53 -5.92 0.50
CA LYS A 324 -21.65 -6.29 -0.36
C LYS A 324 -21.52 -5.52 -1.66
N LEU A 325 -21.75 -6.24 -2.77
CA LEU A 325 -21.62 -5.70 -4.10
C LEU A 325 -22.94 -5.63 -4.85
N THR A 326 -23.18 -4.53 -5.54
CA THR A 326 -24.33 -4.38 -6.44
C THR A 326 -23.91 -3.77 -7.78
N PHE A 327 -24.24 -4.45 -8.86
CA PHE A 327 -24.03 -3.94 -10.17
C PHE A 327 -25.25 -3.11 -10.59
N HIS A 328 -25.00 -2.09 -11.41
CA HIS A 328 -26.04 -1.29 -12.02
C HIS A 328 -25.65 -0.96 -13.44
N ASN A 329 -26.62 -0.54 -14.25
CA ASN A 329 -26.37 -0.35 -15.67
C ASN A 329 -25.38 0.74 -15.91
N ALA A 330 -24.41 0.51 -16.77
CA ALA A 330 -23.38 1.50 -17.00
C ALA A 330 -23.63 2.25 -18.32
N GLY A 331 -24.28 1.60 -19.27
CA GLY A 331 -24.62 2.22 -20.56
C GLY A 331 -23.51 2.18 -21.60
N HIS A 332 -22.45 1.41 -21.35
CA HIS A 332 -21.22 1.45 -22.15
C HIS A 332 -21.23 0.34 -23.19
N ILE A 333 -21.29 -0.90 -22.74
CA ILE A 333 -21.55 -2.03 -23.64
C ILE A 333 -22.43 -3.06 -22.94
N LEU A 334 -22.90 -4.02 -23.73
CA LEU A 334 -23.79 -5.04 -23.26
C LEU A 334 -23.21 -5.62 -22.00
N GLY A 335 -23.92 -5.41 -20.90
CA GLY A 335 -23.56 -5.99 -19.62
C GLY A 335 -22.63 -5.11 -18.79
N SER A 336 -22.27 -3.92 -19.29
CA SER A 336 -21.35 -3.07 -18.56
C SER A 336 -21.95 -2.68 -17.25
N ALA A 337 -21.13 -2.68 -16.20
CA ALA A 337 -21.65 -2.41 -14.88
C ALA A 337 -20.95 -1.23 -14.20
N ILE A 338 -21.72 -0.54 -13.37
CA ILE A 338 -21.25 0.36 -12.35
C ILE A 338 -21.24 -0.46 -11.09
N SER A 339 -20.15 -0.43 -10.35
CA SER A 339 -19.98 -1.33 -9.21
C SER A 339 -20.09 -0.57 -7.92
N HIS A 340 -21.12 -0.90 -7.15
CA HIS A 340 -21.32 -0.30 -5.84
C HIS A 340 -20.90 -1.29 -4.74
N PHE A 341 -20.01 -0.84 -3.86
CA PHE A 341 -19.54 -1.63 -2.75
C PHE A 341 -19.95 -1.03 -1.40
N HIS A 342 -20.68 -1.83 -0.63
CA HIS A 342 -21.18 -1.43 0.65
C HIS A 342 -20.30 -2.12 1.67
N ILE A 343 -19.53 -1.35 2.42
CA ILE A 343 -18.53 -1.89 3.30
C ILE A 343 -19.04 -1.82 4.70
N GLY A 344 -18.99 -2.93 5.41
CA GLY A 344 -19.41 -2.98 6.82
C GLY A 344 -20.90 -2.83 6.98
N ASP A 345 -21.32 -2.48 8.19
CA ASP A 345 -22.72 -2.10 8.45
C ASP A 345 -22.73 -0.60 8.28
N GLY A 346 -22.73 -0.18 7.02
CA GLY A 346 -22.76 1.25 6.70
C GLY A 346 -21.49 2.00 7.04
N LEU A 347 -20.35 1.32 7.06
CA LEU A 347 -19.08 2.04 7.30
C LEU A 347 -18.75 2.99 6.16
N HIS A 348 -18.85 2.50 4.93
CA HIS A 348 -18.54 3.30 3.77
C HIS A 348 -19.11 2.68 2.53
N ASN A 349 -19.40 3.52 1.55
CA ASN A 349 -19.89 3.05 0.25
C ASN A 349 -19.05 3.72 -0.82
N VAL A 350 -18.49 2.92 -1.71
CA VAL A 350 -17.66 3.44 -2.78
C VAL A 350 -18.17 2.87 -4.09
N VAL A 351 -18.36 3.73 -5.09
CA VAL A 351 -18.70 3.29 -6.41
C VAL A 351 -17.52 3.35 -7.38
N PHE A 352 -17.31 2.26 -8.10
CA PHE A 352 -16.37 2.24 -9.23
C PHE A 352 -17.19 2.25 -10.49
N THR A 353 -17.05 3.27 -11.31
CA THR A 353 -17.94 3.39 -12.43
C THR A 353 -17.62 2.47 -13.54
N GLY A 354 -16.36 2.03 -13.65
CA GLY A 354 -15.91 1.42 -14.88
C GLY A 354 -16.12 2.39 -16.03
N ASP A 355 -16.26 1.87 -17.23
CA ASP A 355 -16.53 2.74 -18.39
C ASP A 355 -18.05 2.92 -18.42
N TYR A 356 -18.52 4.12 -18.70
CA TYR A 356 -19.97 4.40 -18.67
C TYR A 356 -20.47 5.53 -19.58
N LYS A 357 -21.77 5.57 -19.80
CA LYS A 357 -22.38 6.59 -20.65
C LYS A 357 -23.68 7.12 -20.07
N TYR A 358 -23.69 8.37 -19.62
CA TYR A 358 -24.84 8.95 -18.96
C TYR A 358 -25.77 9.55 -19.98
N GLU A 359 -26.31 8.71 -20.86
CA GLU A 359 -27.26 9.13 -21.88
C GLU A 359 -27.86 7.89 -22.51
N LYS A 360 -29.14 7.91 -22.86
CA LYS A 360 -29.79 6.79 -23.53
C LYS A 360 -29.27 6.73 -24.96
N THR A 361 -28.78 5.58 -25.39
CA THR A 361 -28.22 5.42 -26.73
C THR A 361 -29.06 4.40 -27.48
N ARG A 362 -28.66 4.09 -28.70
CA ARG A 362 -29.39 3.14 -29.51
C ARG A 362 -29.65 1.83 -28.79
N LEU A 363 -28.68 1.39 -27.99
CA LEU A 363 -28.70 0.05 -27.40
C LEU A 363 -29.06 0.01 -25.92
N PHE A 364 -28.65 1.04 -25.17
CA PHE A 364 -28.66 0.96 -23.71
C PHE A 364 -29.32 2.15 -23.06
N ASP A 365 -29.62 1.99 -21.78
CA ASP A 365 -30.15 3.10 -20.96
C ASP A 365 -28.97 3.84 -20.36
N PRO A 366 -29.21 5.04 -19.83
CA PRO A 366 -28.08 5.78 -19.22
C PRO A 366 -27.44 5.08 -18.03
N ALA A 367 -26.16 5.33 -17.81
CA ALA A 367 -25.47 4.91 -16.58
C ALA A 367 -26.33 5.32 -15.41
N VAL A 368 -26.28 4.52 -14.34
CA VAL A 368 -27.04 4.81 -13.13
C VAL A 368 -26.20 5.64 -12.18
N ASN A 369 -26.78 6.69 -11.59
CA ASN A 369 -26.07 7.46 -10.56
C ASN A 369 -26.89 7.75 -9.31
N LYS A 370 -27.89 6.88 -9.06
CA LYS A 370 -28.73 6.93 -7.87
C LYS A 370 -28.36 5.69 -7.03
N PHE A 371 -28.01 5.86 -5.75
CA PHE A 371 -27.65 4.73 -4.89
C PHE A 371 -28.16 4.99 -3.49
N PRO A 372 -28.27 3.96 -2.65
CA PRO A 372 -28.86 4.34 -1.34
C PRO A 372 -27.88 5.24 -0.63
N ARG A 373 -26.59 4.95 -0.77
CA ARG A 373 -25.51 5.80 -0.27
C ARG A 373 -24.27 5.73 -1.17
N VAL A 374 -23.49 6.82 -1.21
CA VAL A 374 -22.17 6.86 -1.89
C VAL A 374 -21.31 7.89 -1.21
N GLU A 375 -20.17 7.51 -0.70
CA GLU A 375 -19.30 8.48 -0.14
C GLU A 375 -18.16 8.78 -1.08
N THR A 376 -17.69 7.76 -1.82
CA THR A 376 -16.56 7.89 -2.75
C THR A 376 -16.89 7.40 -4.16
N VAL A 377 -16.54 8.15 -5.20
CA VAL A 377 -16.70 7.67 -6.58
C VAL A 377 -15.36 7.61 -7.24
N ILE A 378 -15.06 6.50 -7.88
CA ILE A 378 -13.89 6.38 -8.74
C ILE A 378 -14.45 6.26 -10.14
N SER A 379 -14.18 7.29 -10.95
CA SER A 379 -14.80 7.46 -12.25
C SER A 379 -13.79 7.40 -13.36
N GLU A 380 -14.23 6.88 -14.50
CA GLU A 380 -13.42 7.01 -15.71
C GLU A 380 -13.35 8.44 -16.16
N ALA A 381 -12.39 8.72 -17.03
CA ALA A 381 -12.16 10.07 -17.51
C ALA A 381 -11.79 10.16 -19.01
N THR A 382 -12.22 9.18 -19.82
CA THR A 382 -11.70 9.05 -21.19
C THR A 382 -11.84 10.34 -21.98
N TYR A 383 -13.04 10.95 -21.93
CA TYR A 383 -13.27 12.23 -22.57
C TYR A 383 -13.25 13.33 -21.52
N GLY A 384 -12.28 13.24 -20.62
CA GLY A 384 -12.25 14.10 -19.46
C GLY A 384 -11.69 15.47 -19.73
N ASN A 385 -11.01 15.64 -20.86
CA ASN A 385 -10.46 16.94 -21.25
C ASN A 385 -11.52 18.05 -21.37
N ALA A 386 -11.15 19.30 -21.04
CA ALA A 386 -12.06 20.48 -21.17
C ALA A 386 -12.67 20.57 -22.57
N ASN A 387 -11.93 20.01 -23.52
CA ASN A 387 -12.18 20.10 -24.93
C ASN A 387 -13.12 19.05 -25.49
N ALA A 388 -13.35 17.99 -24.74
CA ALA A 388 -13.68 16.66 -25.32
C ALA A 388 -15.18 16.35 -25.38
N PHE A 389 -15.91 17.21 -26.05
CA PHE A 389 -17.32 16.95 -26.31
C PHE A 389 -17.39 16.05 -27.51
N GLN A 390 -18.51 15.36 -27.67
CA GLN A 390 -18.71 14.56 -28.86
C GLN A 390 -20.11 14.87 -29.37
N PRO A 391 -20.34 14.69 -30.67
CA PRO A 391 -21.60 15.09 -31.27
C PRO A 391 -22.82 14.29 -30.79
N ALA A 392 -24.01 14.87 -30.92
CA ALA A 392 -25.28 14.21 -30.55
C ALA A 392 -25.56 12.90 -31.32
N LEU A 393 -26.22 11.94 -30.69
CA LEU A 393 -26.60 10.69 -31.37
C LEU A 393 -27.20 10.95 -32.77
N LYS A 394 -28.21 11.82 -32.85
CA LYS A 394 -28.85 12.10 -34.13
C LYS A 394 -27.90 12.74 -35.15
N ASP A 395 -27.11 13.72 -34.72
CA ASP A 395 -26.13 14.39 -35.60
C ASP A 395 -24.98 13.46 -36.00
N ALA A 396 -24.61 12.54 -35.11
CA ALA A 396 -23.50 11.61 -35.38
C ALA A 396 -23.90 10.68 -36.50
N GLU A 397 -25.17 10.25 -36.42
CA GLU A 397 -25.71 9.33 -37.39
C GLU A 397 -25.72 9.97 -38.79
N LYS A 398 -26.28 11.17 -38.91
CA LYS A 398 -26.34 11.85 -40.22
C LYS A 398 -24.94 12.00 -40.78
N HIS A 399 -23.98 12.33 -39.92
CA HIS A 399 -22.58 12.47 -40.33
C HIS A 399 -22.03 11.13 -40.84
N LEU A 400 -22.25 10.05 -40.10
CA LEU A 400 -21.78 8.76 -40.57
C LEU A 400 -22.41 8.39 -41.90
N GLN A 401 -23.69 8.71 -42.07
CA GLN A 401 -24.40 8.36 -43.29
C GLN A 401 -23.82 9.10 -44.47
N MET A 402 -23.54 10.38 -44.26
CA MET A 402 -23.04 11.23 -45.34
C MET A 402 -21.63 10.83 -45.77
N VAL A 403 -20.78 10.48 -44.81
CA VAL A 403 -19.42 10.02 -45.14
C VAL A 403 -19.47 8.70 -45.92
N VAL A 404 -20.30 7.78 -45.46
CA VAL A 404 -20.42 6.48 -46.12
C VAL A 404 -21.21 6.61 -47.43
N ILE A 413 -14.40 2.19 -51.00
CA ILE A 413 -14.95 1.38 -49.90
C ILE A 413 -14.57 1.98 -48.52
N ALA A 414 -15.48 1.85 -47.55
CA ALA A 414 -15.34 2.53 -46.26
C ALA A 414 -14.89 1.53 -45.20
N VAL A 415 -13.63 1.65 -44.78
CA VAL A 415 -13.12 0.81 -43.71
C VAL A 415 -13.39 1.49 -42.37
N ILE A 416 -14.01 0.74 -41.45
CA ILE A 416 -14.37 1.24 -40.13
C ILE A 416 -13.81 0.30 -39.08
N PRO A 417 -12.66 0.66 -38.48
CA PRO A 417 -12.17 -0.17 -37.39
C PRO A 417 -13.11 -0.10 -36.22
N ALA A 418 -13.20 -1.21 -35.50
CA ALA A 418 -14.16 -1.40 -34.42
C ALA A 418 -13.69 -2.52 -33.49
N PHE A 419 -14.24 -2.55 -32.29
CA PHE A 419 -14.06 -3.67 -31.38
C PHE A 419 -15.15 -4.71 -31.63
N ALA A 420 -14.82 -5.98 -31.38
CA ALA A 420 -15.79 -7.04 -31.51
C ALA A 420 -17.10 -6.64 -30.85
N VAL A 421 -17.02 -6.08 -29.63
CA VAL A 421 -18.18 -5.56 -28.95
C VAL A 421 -17.99 -4.12 -28.50
N GLY A 422 -18.99 -3.29 -28.79
CA GLY A 422 -18.92 -1.88 -28.48
C GLY A 422 -19.25 -1.07 -29.70
N ARG A 423 -18.23 -0.64 -30.42
CA ARG A 423 -18.43 0.34 -31.47
C ARG A 423 -19.10 -0.31 -32.66
N SER A 424 -18.82 -1.59 -32.86
CA SER A 424 -19.30 -2.28 -34.01
C SER A 424 -20.83 -2.34 -34.01
N GLN A 425 -21.42 -2.73 -32.88
CA GLN A 425 -22.86 -2.95 -32.82
C GLN A 425 -23.66 -1.66 -33.01
N GLU A 426 -23.30 -0.58 -32.32
CA GLU A 426 -23.99 0.72 -32.56
C GLU A 426 -23.87 1.16 -34.04
N VAL A 427 -22.71 0.93 -34.65
CA VAL A 427 -22.51 1.28 -36.06
C VAL A 427 -23.47 0.47 -36.94
N MET A 428 -23.59 -0.83 -36.64
CA MET A 428 -24.43 -1.73 -37.43
C MET A 428 -25.89 -1.29 -37.42
N ILE A 429 -26.35 -0.80 -36.27
CA ILE A 429 -27.74 -0.35 -36.17
C ILE A 429 -28.00 0.88 -37.04
N VAL A 430 -27.02 1.79 -37.08
CA VAL A 430 -27.14 2.98 -37.91
C VAL A 430 -27.09 2.63 -39.40
N LEU A 431 -26.19 1.72 -39.78
CA LEU A 431 -26.05 1.32 -41.19
C LEU A 431 -27.30 0.61 -41.74
N GLU A 432 -27.74 -0.45 -41.07
CA GLU A 432 -28.91 -1.21 -41.55
C GLU A 432 -30.12 -0.30 -41.74
N GLU A 433 -30.33 0.62 -40.79
CA GLU A 433 -31.43 1.57 -40.87
C GLU A 433 -31.25 2.50 -42.04
N SER A 434 -30.02 2.98 -42.23
CA SER A 434 -29.72 3.91 -43.32
C SER A 434 -30.00 3.25 -44.67
N ILE A 435 -29.46 2.05 -44.86
CA ILE A 435 -29.71 1.32 -46.10
C ILE A 435 -31.19 1.06 -46.30
N ARG A 436 -31.87 0.67 -45.23
CA ARG A 436 -33.29 0.34 -45.29
C ARG A 436 -34.15 1.55 -45.71
N LYS A 437 -33.87 2.70 -45.09
CA LYS A 437 -34.56 3.95 -45.42
C LYS A 437 -34.05 4.51 -46.74
N GLY A 438 -32.80 4.22 -47.07
CA GLY A 438 -32.18 4.70 -48.30
C GLY A 438 -31.38 5.97 -48.08
N LEU A 439 -30.64 6.03 -46.98
CA LEU A 439 -29.77 7.17 -46.69
C LEU A 439 -28.39 6.96 -47.31
N ILE A 440 -27.87 5.74 -47.19
CA ILE A 440 -26.77 5.30 -48.05
C ILE A 440 -27.34 4.22 -48.94
N PRO A 441 -27.17 4.36 -50.26
CA PRO A 441 -28.04 3.55 -51.13
C PRO A 441 -28.07 2.06 -50.80
N GLU A 442 -26.90 1.42 -50.66
CA GLU A 442 -26.80 -0.04 -50.54
C GLU A 442 -25.33 -0.43 -50.48
N VAL A 443 -25.04 -1.60 -49.91
CA VAL A 443 -23.68 -2.18 -49.88
C VAL A 443 -23.63 -3.44 -49.01
N PRO A 444 -22.80 -4.43 -49.39
CA PRO A 444 -22.51 -5.46 -48.39
C PRO A 444 -21.66 -4.91 -47.24
N VAL A 445 -22.15 -5.06 -46.00
CA VAL A 445 -21.41 -4.63 -44.83
C VAL A 445 -20.68 -5.81 -44.19
N TYR A 446 -19.44 -6.02 -44.58
CA TYR A 446 -18.69 -7.17 -44.11
C TYR A 446 -18.31 -6.97 -42.65
N LEU A 447 -18.30 -8.07 -41.89
CA LEU A 447 -18.05 -8.04 -40.43
C LEU A 447 -17.00 -9.09 -40.06
N ASP A 448 -15.80 -8.66 -39.65
CA ASP A 448 -14.67 -9.59 -39.49
C ASP A 448 -14.09 -9.55 -38.08
N GLY A 449 -13.55 -10.67 -37.64
CA GLY A 449 -12.91 -10.76 -36.32
C GLY A 449 -13.83 -10.81 -35.11
N MET A 450 -14.80 -11.72 -35.11
CA MET A 450 -15.68 -12.03 -33.95
C MET A 450 -16.76 -11.01 -33.65
N ILE A 451 -16.96 -10.03 -34.54
CA ILE A 451 -18.05 -9.06 -34.36
C ILE A 451 -19.39 -9.77 -34.37
N TRP A 452 -19.56 -10.63 -35.36
CA TRP A 452 -20.83 -11.32 -35.57
C TRP A 452 -21.20 -12.21 -34.41
N GLU A 453 -20.26 -13.04 -33.98
CA GLU A 453 -20.48 -13.90 -32.80
C GLU A 453 -20.78 -13.04 -31.57
N ALA A 454 -20.15 -11.87 -31.46
CA ALA A 454 -20.41 -10.96 -30.34
C ALA A 454 -21.84 -10.46 -30.39
N THR A 455 -22.33 -10.26 -31.60
CA THR A 455 -23.65 -9.72 -31.81
C THR A 455 -24.67 -10.80 -31.47
N ALA A 456 -24.39 -12.04 -31.87
CA ALA A 456 -25.24 -13.15 -31.48
C ALA A 456 -25.49 -13.12 -29.95
N ILE A 457 -24.46 -12.82 -29.18
CA ILE A 457 -24.60 -12.82 -27.74
C ILE A 457 -25.60 -11.75 -27.26
N HIS A 458 -25.71 -10.63 -27.95
CA HIS A 458 -26.69 -9.64 -27.55
C HIS A 458 -28.10 -10.24 -27.56
N ALA A 459 -28.39 -11.01 -28.61
CA ALA A 459 -29.69 -11.68 -28.78
C ALA A 459 -30.04 -12.59 -27.62
N THR A 460 -29.04 -13.09 -26.91
CA THR A 460 -29.25 -13.99 -25.79
C THR A 460 -29.47 -13.25 -24.48
N HIS A 461 -29.20 -11.96 -24.47
CA HIS A 461 -29.43 -11.17 -23.29
C HIS A 461 -30.28 -9.95 -23.58
N PRO A 462 -31.57 -10.16 -23.87
CA PRO A 462 -32.51 -9.06 -24.17
C PRO A 462 -32.74 -8.11 -22.98
N GLU A 463 -32.70 -8.63 -21.76
CA GLU A 463 -32.85 -7.82 -20.57
C GLU A 463 -31.75 -6.75 -20.41
N TYR A 464 -30.60 -6.92 -21.09
CA TYR A 464 -29.44 -6.00 -20.92
C TYR A 464 -29.42 -4.89 -21.96
N LEU A 465 -30.44 -4.91 -22.82
CA LEU A 465 -30.71 -3.84 -23.79
C LEU A 465 -31.80 -2.87 -23.29
N ASN A 466 -31.89 -1.68 -23.88
CA ASN A 466 -33.02 -0.78 -23.55
C ASN A 466 -34.33 -1.29 -24.13
N ASN A 467 -35.44 -0.73 -23.67
CA ASN A 467 -36.77 -1.13 -24.14
C ASN A 467 -36.94 -1.21 -25.65
N ASP A 468 -36.43 -0.23 -26.38
CA ASP A 468 -36.68 -0.16 -27.81
C ASP A 468 -35.97 -1.25 -28.58
N LEU A 469 -34.73 -1.55 -28.19
CA LEU A 469 -33.99 -2.57 -28.90
C LEU A 469 -34.55 -3.94 -28.52
N ARG A 470 -34.82 -4.09 -27.22
CA ARG A 470 -35.52 -5.26 -26.70
C ARG A 470 -36.70 -5.63 -27.63
N LYS A 471 -37.65 -4.73 -27.84
CA LYS A 471 -38.79 -5.04 -28.71
C LYS A 471 -38.35 -5.34 -30.14
N LEU A 472 -37.28 -4.69 -30.60
CA LEU A 472 -36.82 -4.90 -31.97
C LEU A 472 -36.24 -6.31 -32.21
N ILE A 473 -35.38 -6.80 -31.31
CA ILE A 473 -34.79 -8.14 -31.50
C ILE A 473 -35.79 -9.24 -31.12
N PRO A 480 -33.00 -5.63 -36.52
CA PRO A 480 -31.89 -4.95 -37.19
C PRO A 480 -30.79 -5.89 -37.62
N PHE A 481 -30.25 -6.65 -36.66
CA PHE A 481 -29.07 -7.51 -36.92
C PHE A 481 -29.29 -8.64 -37.94
N LEU A 482 -30.53 -8.99 -38.27
CA LEU A 482 -30.75 -10.04 -39.25
C LEU A 482 -30.96 -9.51 -40.67
N SER A 483 -30.46 -8.31 -40.95
CA SER A 483 -30.56 -7.77 -42.30
C SER A 483 -29.70 -8.61 -43.23
N GLU A 484 -30.21 -8.76 -44.46
CA GLU A 484 -29.52 -9.43 -45.55
C GLU A 484 -28.16 -8.80 -45.83
N CYS A 485 -28.03 -7.50 -45.56
CA CYS A 485 -26.78 -6.75 -45.78
C CYS A 485 -25.53 -7.35 -45.10
N PHE A 486 -25.63 -7.69 -43.81
CA PHE A 486 -24.46 -8.12 -43.05
C PHE A 486 -23.94 -9.47 -43.51
N LYS A 487 -22.64 -9.52 -43.75
CA LYS A 487 -21.99 -10.73 -44.24
C LYS A 487 -20.81 -11.00 -43.33
N PRO A 488 -20.88 -12.05 -42.49
CA PRO A 488 -19.74 -12.31 -41.64
C PRO A 488 -18.59 -12.96 -42.38
N VAL A 489 -17.40 -12.86 -41.81
CA VAL A 489 -16.20 -13.48 -42.35
C VAL A 489 -15.25 -13.74 -41.20
N ASP A 490 -14.82 -14.98 -41.01
CA ASP A 490 -13.76 -15.26 -40.04
C ASP A 490 -12.86 -16.41 -40.49
N HIS A 492 -10.64 -17.24 -42.84
CA HIS A 492 -9.55 -16.70 -43.64
C HIS A 492 -9.84 -16.75 -45.15
N GLU A 493 -10.47 -17.83 -45.61
CA GLU A 493 -10.84 -17.96 -47.01
C GLU A 493 -11.71 -16.77 -47.45
N ALA A 494 -12.61 -16.34 -46.56
CA ALA A 494 -13.52 -15.22 -46.86
C ALA A 494 -12.75 -13.92 -46.95
N ARG A 495 -11.83 -13.72 -46.02
CA ARG A 495 -10.97 -12.54 -45.99
C ARG A 495 -10.34 -12.28 -47.35
N GLN A 496 -9.78 -13.33 -47.95
CA GLN A 496 -9.05 -13.17 -49.22
C GLN A 496 -9.95 -12.66 -50.35
N LYS A 497 -11.23 -13.05 -50.33
CA LYS A 497 -12.18 -12.66 -51.38
C LYS A 497 -12.47 -11.15 -51.37
N ILE A 498 -12.42 -10.56 -50.18
CA ILE A 498 -12.51 -9.11 -50.05
C ILE A 498 -11.26 -8.47 -50.65
N GLN A 503 -14.21 -4.28 -54.54
CA GLN A 503 -15.59 -4.00 -54.94
C GLN A 503 -16.24 -3.13 -53.86
N PRO A 504 -16.86 -1.99 -54.23
CA PRO A 504 -17.34 -1.04 -53.23
C PRO A 504 -18.17 -1.69 -52.12
N CYS A 505 -17.82 -1.41 -50.88
CA CYS A 505 -18.46 -2.07 -49.75
C CYS A 505 -18.11 -1.36 -48.46
N VAL A 506 -18.56 -1.90 -47.34
CA VAL A 506 -18.16 -1.41 -46.02
C VAL A 506 -17.56 -2.57 -45.23
N ILE A 507 -16.50 -2.29 -44.48
CA ILE A 507 -15.84 -3.31 -43.68
C ILE A 507 -15.73 -2.84 -42.23
N LEU A 508 -16.49 -3.46 -41.35
CA LEU A 508 -16.25 -3.37 -39.91
C LEU A 508 -15.27 -4.44 -39.59
N ALA A 509 -14.15 -4.07 -38.98
CA ALA A 509 -13.09 -5.04 -38.72
C ALA A 509 -12.30 -4.68 -37.49
N THR A 510 -11.71 -5.72 -36.93
CA THR A 510 -11.05 -5.67 -35.63
C THR A 510 -9.53 -5.55 -35.85
N SER A 511 -8.79 -4.86 -34.98
CA SER A 511 -9.27 -4.30 -33.72
C SER A 511 -9.48 -2.80 -33.82
N GLY A 512 -10.28 -2.28 -32.91
CA GLY A 512 -10.81 -0.92 -32.98
C GLY A 512 -9.86 0.25 -32.96
N MET A 513 -8.59 0.01 -32.61
CA MET A 513 -7.56 1.05 -32.66
C MET A 513 -6.35 0.64 -33.53
N MET A 514 -6.59 -0.36 -34.38
CA MET A 514 -5.66 -0.79 -35.40
C MET A 514 -4.32 -1.32 -34.89
N ASN A 515 -4.32 -1.94 -33.70
CA ASN A 515 -3.07 -2.57 -33.23
C ASN A 515 -2.86 -3.99 -33.79
N GLY A 516 -3.88 -4.53 -34.44
CA GLY A 516 -3.77 -5.79 -35.17
C GLY A 516 -5.13 -6.29 -35.64
N GLY A 517 -5.17 -7.55 -36.06
CA GLY A 517 -6.40 -8.15 -36.48
C GLY A 517 -6.59 -8.00 -37.97
N PRO A 518 -7.73 -8.49 -38.49
CA PRO A 518 -8.01 -8.46 -39.92
C PRO A 518 -8.06 -7.06 -40.54
N VAL A 519 -8.35 -6.03 -39.75
CA VAL A 519 -8.42 -4.69 -40.30
C VAL A 519 -7.06 -4.25 -40.89
N MET A 520 -5.98 -4.84 -40.38
CA MET A 520 -4.64 -4.62 -40.93
C MET A 520 -4.43 -5.30 -42.29
N GLU A 521 -5.07 -6.44 -42.53
CA GLU A 521 -5.06 -7.04 -43.86
C GLU A 521 -5.82 -6.13 -44.83
N TYR A 522 -7.05 -5.74 -44.44
CA TYR A 522 -7.87 -4.83 -45.26
C TYR A 522 -7.14 -3.53 -45.56
N PHE A 523 -6.42 -3.03 -44.57
CA PHE A 523 -5.69 -1.77 -44.67
C PHE A 523 -4.46 -1.95 -45.54
N LYS A 524 -3.72 -3.04 -45.32
CA LYS A 524 -2.51 -3.32 -46.10
C LYS A 524 -2.79 -3.27 -47.61
N ALA A 525 -4.03 -3.57 -47.99
CA ALA A 525 -4.43 -3.66 -49.39
C ALA A 525 -5.19 -2.43 -49.92
N PHE A 526 -5.96 -1.75 -49.07
CA PHE A 526 -6.82 -0.66 -49.55
C PHE A 526 -6.30 0.77 -49.29
N ALA A 527 -5.18 0.89 -48.61
CA ALA A 527 -4.66 2.20 -48.22
C ALA A 527 -4.11 3.03 -49.40
N GLU A 528 -3.75 2.36 -50.49
CA GLU A 528 -3.12 3.04 -51.64
C GLU A 528 -4.07 3.89 -52.49
N ASP A 529 -5.30 3.42 -52.73
CA ASP A 529 -6.25 4.17 -53.58
C ASP A 529 -6.87 5.31 -52.77
N PRO A 530 -6.71 6.56 -53.22
CA PRO A 530 -7.29 7.71 -52.50
C PRO A 530 -8.81 7.71 -52.52
N ARG A 531 -9.40 6.93 -53.42
CA ARG A 531 -10.84 6.79 -53.51
C ARG A 531 -11.45 6.33 -52.18
N ASN A 532 -10.69 5.51 -51.43
CA ASN A 532 -11.17 4.84 -50.21
C ASN A 532 -11.08 5.65 -48.92
N THR A 533 -11.98 5.36 -47.98
CA THR A 533 -12.11 6.13 -46.75
C THR A 533 -11.89 5.29 -45.51
N LEU A 534 -11.26 5.88 -44.50
CA LEU A 534 -11.00 5.20 -43.24
C LEU A 534 -11.79 5.94 -42.15
N VAL A 535 -12.76 5.27 -41.55
CA VAL A 535 -13.67 5.94 -40.63
C VAL A 535 -13.38 5.61 -39.16
N PHE A 536 -12.93 6.60 -38.40
CA PHE A 536 -12.73 6.44 -36.95
C PHE A 536 -14.00 6.78 -36.20
N VAL A 537 -14.52 5.82 -35.45
CA VAL A 537 -15.84 5.99 -34.83
C VAL A 537 -15.76 6.22 -33.33
N GLY A 538 -14.55 6.14 -32.77
CA GLY A 538 -14.34 6.36 -31.34
C GLY A 538 -12.92 6.76 -31.10
N TYR A 539 -12.57 7.16 -29.88
CA TYR A 539 -11.20 7.61 -29.59
C TYR A 539 -10.17 6.52 -29.90
N GLN A 540 -8.98 6.99 -30.21
CA GLN A 540 -7.81 6.15 -30.41
C GLN A 540 -6.82 6.56 -29.32
N ALA A 541 -6.35 5.60 -28.52
CA ALA A 541 -5.45 5.91 -27.42
C ALA A 541 -4.03 6.24 -27.86
N ASP A 542 -3.33 6.98 -27.01
CA ASP A 542 -1.89 7.18 -27.13
C ASP A 542 -1.18 5.88 -27.54
N GLY A 543 -0.24 6.02 -28.47
CA GLY A 543 0.65 4.92 -28.85
C GLY A 543 0.07 3.93 -29.85
N THR A 544 -1.19 4.11 -30.23
CA THR A 544 -1.77 3.20 -31.18
C THR A 544 -1.48 3.66 -32.63
N ILE A 545 -1.51 2.69 -33.53
CA ILE A 545 -1.43 2.97 -34.95
C ILE A 545 -2.58 3.89 -35.33
N GLY A 546 -3.79 3.56 -34.93
CA GLY A 546 -4.94 4.40 -35.25
C GLY A 546 -4.77 5.84 -34.81
N ARG A 547 -4.17 6.05 -33.66
CA ARG A 547 -3.93 7.39 -33.17
C ARG A 547 -2.94 8.13 -34.06
N ARG A 548 -1.83 7.45 -34.37
CA ARG A 548 -0.84 7.99 -35.29
C ARG A 548 -1.47 8.41 -36.64
N ILE A 549 -2.23 7.52 -37.25
CA ILE A 549 -2.94 7.84 -38.48
C ILE A 549 -3.89 9.03 -38.27
N GLN A 550 -4.71 8.92 -37.24
CA GLN A 550 -5.73 9.93 -36.90
C GLN A 550 -5.14 11.32 -36.68
N LYS A 551 -3.86 11.39 -36.33
CA LYS A 551 -3.14 12.65 -36.26
C LYS A 551 -2.66 13.14 -37.63
N GLY A 552 -2.96 12.41 -38.70
CA GLY A 552 -2.58 12.85 -40.05
C GLY A 552 -1.15 12.50 -40.46
N TRP A 553 -0.58 11.49 -39.79
CA TRP A 553 0.62 10.83 -40.32
C TRP A 553 0.28 10.05 -41.60
N LYS A 554 1.13 10.21 -42.61
CA LYS A 554 0.93 9.64 -43.94
C LYS A 554 1.90 8.47 -44.23
N GLU A 555 2.80 8.20 -43.29
CA GLU A 555 3.73 7.07 -43.38
C GLU A 555 3.36 6.00 -42.34
N MET A 567 7.44 1.22 -44.18
CA MET A 567 6.25 1.99 -43.90
C MET A 567 5.35 2.03 -45.14
N LEU A 568 4.03 2.15 -44.90
CA LEU A 568 3.03 2.18 -45.98
C LEU A 568 2.60 3.62 -46.37
N LYS A 569 2.68 3.95 -47.66
CA LYS A 569 2.27 5.29 -48.15
C LYS A 569 0.75 5.46 -48.07
N MET A 570 0.28 6.49 -47.38
CA MET A 570 -1.10 6.56 -46.88
C MET A 570 -1.97 7.65 -47.50
N ASN A 571 -2.07 7.68 -48.83
CA ASN A 571 -3.00 8.55 -49.54
C ASN A 571 -4.38 7.90 -49.57
N MET A 572 -5.13 8.02 -48.47
CA MET A 572 -6.46 7.42 -48.32
C MET A 572 -7.28 8.26 -47.36
N GLU A 573 -8.48 8.69 -47.79
CA GLU A 573 -9.27 9.64 -46.99
C GLU A 573 -9.45 9.15 -45.58
N VAL A 574 -9.34 10.09 -44.64
CA VAL A 574 -9.49 9.82 -43.23
C VAL A 574 -10.58 10.73 -42.69
N GLN A 575 -11.65 10.16 -42.14
CA GLN A 575 -12.66 10.95 -41.47
C GLN A 575 -12.85 10.44 -40.05
N VAL A 576 -13.11 11.37 -39.14
CA VAL A 576 -13.30 11.09 -37.73
C VAL A 576 -14.78 11.39 -37.41
N VAL A 577 -15.51 10.37 -37.00
CA VAL A 577 -16.90 10.55 -36.60
C VAL A 577 -16.99 9.98 -35.22
N ASP A 578 -16.58 10.78 -34.24
CA ASP A 578 -16.35 10.30 -32.88
C ASP A 578 -17.68 10.33 -32.15
N GLY A 579 -18.56 9.40 -32.48
CA GLY A 579 -19.89 9.35 -31.88
C GLY A 579 -20.29 7.99 -31.35
N PHE A 580 -19.39 7.02 -31.36
CA PHE A 580 -19.78 5.64 -31.08
C PHE A 580 -18.85 4.96 -30.11
N SER A 581 -18.13 5.76 -29.35
CA SER A 581 -17.14 5.23 -28.44
C SER A 581 -17.80 4.47 -27.32
N GLY A 582 -19.05 4.84 -26.99
CA GLY A 582 -19.75 4.27 -25.84
C GLY A 582 -19.35 4.89 -24.50
N HIS A 583 -18.60 6.00 -24.52
CA HIS A 583 -18.24 6.76 -23.32
C HIS A 583 -18.97 8.08 -23.19
N SER A 584 -19.22 8.49 -21.95
CA SER A 584 -19.70 9.83 -21.68
C SER A 584 -18.70 10.85 -22.18
N ASP A 585 -19.16 11.89 -22.87
CA ASP A 585 -18.30 13.01 -23.23
C ASP A 585 -18.07 13.93 -22.03
N ARG A 586 -17.32 15.00 -22.24
CA ARG A 586 -16.96 15.86 -21.12
C ARG A 586 -18.20 16.40 -20.40
N ARG A 587 -19.19 16.86 -21.16
CA ARG A 587 -20.46 17.32 -20.55
C ARG A 587 -21.10 16.22 -19.72
N GLN A 588 -21.11 15.01 -20.27
CA GLN A 588 -21.83 13.88 -19.69
C GLN A 588 -21.14 13.38 -18.44
N LEU A 589 -19.81 13.39 -18.44
CA LEU A 589 -19.04 13.06 -17.25
C LEU A 589 -19.42 13.99 -16.10
N MET A 590 -19.45 15.30 -16.39
CA MET A 590 -19.79 16.31 -15.39
C MET A 590 -21.22 16.14 -14.93
N GLU A 591 -22.12 15.84 -15.84
CA GLU A 591 -23.54 15.73 -15.46
C GLU A 591 -23.72 14.53 -14.53
N TYR A 592 -23.00 13.45 -14.81
CA TYR A 592 -23.09 12.21 -14.04
C TYR A 592 -22.84 12.44 -12.56
N VAL A 593 -21.79 13.19 -12.25
CA VAL A 593 -21.41 13.49 -10.89
C VAL A 593 -22.35 14.53 -10.33
N LYS A 594 -22.60 15.57 -11.11
CA LYS A 594 -23.45 16.68 -10.69
C LYS A 594 -24.82 16.20 -10.19
N ARG A 595 -25.31 15.10 -10.75
CA ARG A 595 -26.68 14.65 -10.46
C ARG A 595 -26.71 13.37 -9.64
N MET A 596 -25.53 12.89 -9.29
CA MET A 596 -25.44 11.72 -8.46
C MET A 596 -26.20 11.95 -7.17
N GLN A 597 -26.96 10.94 -6.76
CA GLN A 597 -27.68 10.98 -5.48
C GLN A 597 -27.30 9.71 -4.70
N PRO A 598 -26.87 9.85 -3.44
CA PRO A 598 -26.54 11.12 -2.79
C PRO A 598 -25.34 11.73 -3.46
N ARG A 599 -24.94 12.92 -3.02
CA ARG A 599 -23.70 13.54 -3.49
C ARG A 599 -22.52 12.85 -2.79
N PRO A 600 -21.47 12.52 -3.54
CA PRO A 600 -20.33 11.89 -2.89
C PRO A 600 -19.43 12.92 -2.25
N GLU A 601 -18.64 12.51 -1.27
CA GLU A 601 -17.73 13.37 -0.59
C GLU A 601 -16.38 13.44 -1.32
N ARG A 602 -15.99 12.39 -2.02
CA ARG A 602 -14.78 12.42 -2.84
C ARG A 602 -15.02 11.76 -4.18
N VAL A 603 -14.36 12.27 -5.21
CA VAL A 603 -14.22 11.49 -6.41
C VAL A 603 -12.78 11.41 -6.85
N PHE A 604 -12.47 10.32 -7.54
CA PHE A 604 -11.15 10.09 -8.07
C PHE A 604 -11.26 9.73 -9.52
N THR A 605 -10.27 10.11 -10.33
CA THR A 605 -10.38 9.89 -11.76
C THR A 605 -9.29 8.98 -12.28
N GLU A 606 -9.64 8.23 -13.34
CA GLU A 606 -8.77 7.23 -13.94
C GLU A 606 -9.24 6.97 -15.37
N HIS A 607 -8.55 6.13 -16.11
CA HIS A 607 -8.98 5.77 -17.46
C HIS A 607 -9.12 6.99 -18.40
N GLY A 608 -8.00 7.66 -18.61
CA GLY A 608 -7.90 8.75 -19.53
C GLY A 608 -6.42 9.01 -19.67
N ASP A 609 -6.02 9.78 -20.68
CA ASP A 609 -4.62 10.18 -20.77
C ASP A 609 -4.40 11.19 -19.65
N GLU A 610 -3.15 11.39 -19.26
CA GLU A 610 -2.83 12.21 -18.08
C GLU A 610 -3.63 13.52 -18.00
N LYS A 611 -3.60 14.34 -19.04
CA LYS A 611 -4.32 15.61 -19.02
C LYS A 611 -5.83 15.39 -18.83
N ALA A 612 -6.37 14.32 -19.40
CA ALA A 612 -7.79 14.06 -19.25
C ALA A 612 -8.15 13.85 -17.76
N CYS A 613 -7.41 12.99 -17.08
CA CYS A 613 -7.71 12.70 -15.69
C CYS A 613 -7.57 13.91 -14.80
N VAL A 614 -6.50 14.65 -14.97
CA VAL A 614 -6.24 15.81 -14.14
C VAL A 614 -7.24 16.95 -14.41
N ASP A 615 -7.64 17.10 -15.67
CA ASP A 615 -8.54 18.19 -16.07
C ASP A 615 -9.91 17.98 -15.47
N LEU A 616 -10.43 16.77 -15.66
CA LEU A 616 -11.73 16.44 -15.15
C LEU A 616 -11.75 16.59 -13.62
N ALA A 617 -10.68 16.15 -12.96
CA ALA A 617 -10.65 16.17 -11.50
C ALA A 617 -10.84 17.59 -11.03
N SER A 618 -9.95 18.46 -11.44
CA SER A 618 -9.98 19.84 -10.97
C SER A 618 -11.24 20.57 -11.44
N SER A 619 -11.80 20.16 -12.57
CA SER A 619 -13.09 20.71 -12.98
C SER A 619 -14.25 20.34 -12.04
N VAL A 620 -14.24 19.13 -11.50
CA VAL A 620 -15.26 18.75 -10.51
C VAL A 620 -15.07 19.46 -9.16
N TYR A 621 -13.81 19.65 -8.75
CA TYR A 621 -13.52 20.39 -7.52
C TYR A 621 -14.02 21.82 -7.69
N LYS A 622 -13.75 22.42 -8.85
CA LYS A 622 -14.07 23.83 -9.06
C LYS A 622 -15.58 24.04 -9.23
N LYS A 623 -16.21 23.33 -10.15
CA LYS A 623 -17.63 23.57 -10.44
C LYS A 623 -18.55 23.06 -9.32
N LEU A 624 -18.28 21.84 -8.85
CA LEU A 624 -19.21 21.16 -7.97
C LEU A 624 -18.82 21.18 -6.50
N LYS A 625 -17.62 21.66 -6.21
CA LYS A 625 -17.11 21.77 -4.84
C LYS A 625 -16.92 20.42 -4.15
N ILE A 626 -16.86 19.34 -4.92
CA ILE A 626 -16.56 18.01 -4.38
C ILE A 626 -15.07 17.79 -4.48
N GLU A 627 -14.41 17.43 -3.38
CA GLU A 627 -12.97 17.18 -3.39
C GLU A 627 -12.68 16.07 -4.39
N THR A 628 -11.87 16.36 -5.39
CA THR A 628 -11.52 15.31 -6.34
C THR A 628 -10.09 15.43 -6.89
N ARG A 629 -9.52 14.30 -7.26
CA ARG A 629 -8.11 14.20 -7.60
C ARG A 629 -7.88 12.96 -8.46
N ALA A 630 -6.92 13.03 -9.38
CA ALA A 630 -6.55 11.90 -10.25
C ALA A 630 -5.65 10.91 -9.50
N LEU A 631 -5.87 9.63 -9.79
CA LEU A 631 -5.09 8.57 -9.17
C LEU A 631 -3.79 8.40 -9.94
N THR A 632 -2.80 7.82 -9.28
CA THR A 632 -1.50 7.46 -9.89
C THR A 632 -1.28 5.98 -9.67
N ASN A 633 -0.73 5.29 -10.67
CA ASN A 633 -0.43 3.88 -10.52
C ASN A 633 0.51 3.72 -9.36
N LEU A 634 0.17 2.75 -8.51
CA LEU A 634 0.93 2.32 -7.31
C LEU A 634 0.75 3.19 -6.08
N GLU A 635 -0.10 4.22 -6.13
CA GLU A 635 -0.48 4.99 -4.94
C GLU A 635 -1.65 4.29 -4.28
N THR A 636 -1.81 4.46 -2.96
CA THR A 636 -2.97 3.92 -2.28
C THR A 636 -3.55 5.09 -1.59
N VAL A 637 -4.86 5.23 -1.68
CA VAL A 637 -5.62 6.31 -1.07
C VAL A 637 -6.55 5.71 0.02
N ARG A 638 -6.68 6.41 1.14
CA ARG A 638 -7.51 5.95 2.20
C ARG A 638 -8.85 6.66 2.16
N LEU A 639 -9.91 5.87 2.13
CA LEU A 639 -11.27 6.35 2.06
C LEU A 639 -11.90 6.55 3.44
N LEU A 640 -11.41 5.81 4.43
CA LEU A 640 -11.94 5.79 5.79
C LEU A 640 -10.84 5.21 6.72
N MET B 4 26.02 -22.38 -3.38
CA MET B 4 25.81 -20.92 -3.24
C MET B 4 26.66 -20.16 -4.27
N PRO B 5 26.02 -19.72 -5.38
CA PRO B 5 26.68 -18.88 -6.41
C PRO B 5 27.12 -17.47 -6.00
N ILE B 6 27.01 -17.14 -4.71
CA ILE B 6 27.55 -15.91 -4.13
C ILE B 6 29.03 -16.09 -3.76
N GLU B 7 29.38 -17.29 -3.30
CA GLU B 7 30.77 -17.70 -3.13
C GLU B 7 31.62 -17.28 -4.33
N ASP B 8 31.06 -17.45 -5.53
CA ASP B 8 31.77 -17.20 -6.80
C ASP B 8 32.03 -15.73 -7.07
N VAL B 9 31.24 -14.84 -6.49
CA VAL B 9 31.49 -13.39 -6.61
C VAL B 9 32.51 -12.95 -5.57
N LEU B 10 32.56 -13.67 -4.45
CA LEU B 10 33.59 -13.46 -3.43
C LEU B 10 34.96 -13.96 -3.88
N LEU B 11 35.00 -15.04 -4.66
CA LEU B 11 36.26 -15.49 -5.28
C LEU B 11 36.77 -14.45 -6.29
N ASP B 12 35.88 -14.00 -7.17
CA ASP B 12 36.23 -12.96 -8.12
C ASP B 12 36.77 -11.72 -7.39
N LEU B 13 36.19 -11.40 -6.24
CA LEU B 13 36.66 -10.27 -5.46
C LEU B 13 38.00 -10.58 -4.81
N LYS B 14 38.16 -11.81 -4.33
CA LYS B 14 39.43 -12.19 -3.71
C LYS B 14 40.53 -11.99 -4.74
N HIS B 15 40.37 -12.59 -5.90
CA HIS B 15 41.44 -12.53 -6.90
C HIS B 15 41.75 -11.12 -7.38
N LYS B 16 40.72 -10.33 -7.63
CA LYS B 16 40.86 -8.90 -7.94
C LYS B 16 41.78 -8.21 -6.92
N ILE B 17 41.44 -8.37 -5.64
CA ILE B 17 42.22 -7.76 -4.56
C ILE B 17 43.67 -8.22 -4.58
N GLU B 18 43.87 -9.53 -4.67
CA GLU B 18 45.20 -10.11 -4.54
C GLU B 18 46.19 -9.58 -5.57
N LYS B 19 45.72 -9.28 -6.78
CA LYS B 19 46.59 -8.64 -7.79
C LYS B 19 46.63 -7.11 -7.68
N ASN B 20 45.97 -6.53 -6.67
CA ASN B 20 46.16 -5.10 -6.38
C ASN B 20 47.06 -4.87 -5.20
N LEU B 21 47.28 -5.90 -4.38
CA LEU B 21 48.04 -5.78 -3.14
C LEU B 21 49.54 -5.62 -3.40
N PRO B 22 50.22 -4.77 -2.62
CA PRO B 22 51.67 -4.71 -2.72
C PRO B 22 52.32 -6.01 -2.26
N ALA B 23 53.56 -6.23 -2.71
CA ALA B 23 54.36 -7.37 -2.30
C ALA B 23 54.37 -7.43 -0.79
N GLY B 24 54.31 -8.64 -0.27
CA GLY B 24 54.43 -8.87 1.15
C GLY B 24 53.11 -8.85 1.89
N VAL B 25 52.05 -8.39 1.25
CA VAL B 25 50.79 -8.28 1.92
C VAL B 25 49.83 -9.35 1.42
N THR B 26 49.30 -10.13 2.36
CA THR B 26 48.38 -11.20 1.99
C THR B 26 47.06 -11.09 2.70
N ILE B 27 46.04 -11.67 2.08
CA ILE B 27 44.75 -11.88 2.74
C ILE B 27 44.43 -13.36 2.70
N THR B 28 43.59 -13.79 3.63
CA THR B 28 43.11 -15.17 3.68
C THR B 28 41.74 -15.26 2.99
N ASP B 29 40.73 -14.60 3.55
CA ASP B 29 39.36 -14.68 3.02
C ASP B 29 38.78 -13.30 2.78
N VAL B 30 37.72 -13.31 1.97
CA VAL B 30 36.93 -12.16 1.61
C VAL B 30 35.44 -12.53 1.81
N GLU B 31 34.74 -11.73 2.62
CA GLU B 31 33.33 -11.94 2.98
C GLU B 31 32.59 -10.62 3.01
N PHE B 32 31.35 -10.64 2.59
CA PHE B 32 30.42 -9.56 2.81
C PHE B 32 29.86 -9.72 4.21
N GLU B 33 30.13 -8.77 5.12
CA GLU B 33 29.57 -8.82 6.46
C GLU B 33 28.76 -7.58 6.70
N GLY B 34 27.44 -7.73 6.70
CA GLY B 34 26.56 -6.60 6.66
C GLY B 34 26.89 -5.75 5.44
N PRO B 35 26.84 -4.42 5.61
CA PRO B 35 27.11 -3.51 4.53
C PRO B 35 28.51 -3.63 3.92
N GLN B 36 29.48 -4.18 4.66
CA GLN B 36 30.90 -4.11 4.29
C GLN B 36 31.43 -5.33 3.54
N LEU B 37 32.42 -5.09 2.70
CA LEU B 37 33.28 -6.16 2.20
C LEU B 37 34.40 -6.23 3.18
N VAL B 38 34.69 -7.42 3.69
CA VAL B 38 35.68 -7.59 4.73
C VAL B 38 36.79 -8.50 4.28
N LEU B 39 38.04 -8.03 4.36
CA LEU B 39 39.25 -8.84 4.09
C LEU B 39 39.81 -9.39 5.38
N TYR B 40 39.95 -10.70 5.46
CA TYR B 40 40.67 -11.30 6.56
C TYR B 40 42.17 -11.44 6.24
N THR B 41 43.02 -11.25 7.25
CA THR B 41 44.46 -11.29 7.06
C THR B 41 45.13 -11.90 8.27
N GLU B 42 46.24 -12.61 8.04
CA GLU B 42 47.11 -13.09 9.14
C GLU B 42 48.22 -12.10 9.43
N GLU B 43 48.21 -10.98 8.71
CA GLU B 43 49.22 -9.94 8.87
C GLU B 43 48.58 -8.55 9.05
N PRO B 44 47.70 -8.43 10.03
CA PRO B 44 47.04 -7.15 10.24
C PRO B 44 47.99 -5.97 10.41
N ARG B 45 49.17 -6.22 10.97
CA ARG B 45 50.12 -5.12 11.24
C ARG B 45 50.38 -4.35 9.95
N LYS B 46 50.48 -5.09 8.85
CA LYS B 46 50.79 -4.51 7.55
C LYS B 46 49.70 -3.57 7.06
N PHE B 47 48.46 -3.81 7.46
CA PHE B 47 47.37 -2.93 7.12
C PHE B 47 47.24 -1.77 8.11
N ALA B 48 47.80 -1.95 9.30
CA ALA B 48 47.83 -0.87 10.30
C ALA B 48 48.87 0.17 9.92
N ASP B 49 49.95 -0.28 9.29
CA ASP B 49 51.06 0.60 8.90
C ASP B 49 50.71 1.45 7.67
N ASP B 50 50.11 0.82 6.66
CA ASP B 50 49.77 1.47 5.39
C ASP B 50 48.26 1.54 5.24
N GLY B 51 47.71 2.70 5.60
CA GLY B 51 46.25 2.92 5.46
C GLY B 51 45.82 3.12 4.03
N ASN B 52 46.80 3.38 3.16
CA ASN B 52 46.55 3.56 1.72
C ASN B 52 46.14 2.30 0.95
N ILE B 53 46.44 1.12 1.49
CA ILE B 53 46.10 -0.12 0.82
C ILE B 53 44.62 -0.17 0.75
N ILE B 54 43.99 0.02 1.90
CA ILE B 54 42.54 0.02 1.93
C ILE B 54 42.01 1.17 1.05
N ARG B 55 42.68 2.32 1.05
CA ARG B 55 42.33 3.41 0.14
C ARG B 55 42.45 2.95 -1.31
N ASN B 56 43.66 2.53 -1.70
CA ASN B 56 43.92 1.99 -3.04
C ASN B 56 43.08 0.75 -3.37
N LEU B 57 42.60 0.04 -2.35
CA LEU B 57 41.70 -1.11 -2.57
C LEU B 57 40.26 -0.67 -2.79
N ALA B 58 39.66 -0.01 -1.81
CA ALA B 58 38.30 0.53 -1.98
C ALA B 58 38.19 1.31 -3.29
N LYS B 59 39.22 2.09 -3.63
CA LYS B 59 39.24 2.87 -4.86
C LYS B 59 38.96 2.02 -6.11
N GLU B 60 39.80 1.04 -6.39
CA GLU B 60 39.60 0.20 -7.60
C GLU B 60 38.38 -0.74 -7.53
N LEU B 61 37.84 -0.97 -6.32
CA LEU B 61 36.65 -1.83 -6.10
C LEU B 61 35.34 -1.03 -5.93
N ARG B 62 35.43 0.29 -5.86
CA ARG B 62 34.27 1.18 -5.71
C ARG B 62 33.32 0.73 -4.58
N THR B 63 33.86 0.43 -3.41
CA THR B 63 33.03 0.02 -2.26
C THR B 63 33.72 0.21 -0.91
N ARG B 64 32.93 0.08 0.16
CA ARG B 64 33.45 0.10 1.53
C ARG B 64 34.06 -1.26 1.87
N ILE B 65 35.31 -1.22 2.34
CA ILE B 65 36.10 -2.39 2.69
C ILE B 65 36.78 -2.17 4.03
N ALA B 66 36.66 -3.16 4.92
CA ALA B 66 37.44 -3.20 6.16
C ALA B 66 38.35 -4.46 6.14
N MET B 67 39.53 -4.35 6.71
CA MET B 67 40.33 -5.53 6.92
C MET B 67 40.08 -5.98 8.36
N ARG B 68 40.23 -7.27 8.66
CA ARG B 68 40.31 -7.68 10.04
C ARG B 68 41.18 -8.92 10.29
N PRO B 69 41.64 -9.07 11.54
CA PRO B 69 42.58 -10.11 11.83
C PRO B 69 41.94 -11.49 11.68
N ASP B 70 42.67 -12.40 11.05
CA ASP B 70 42.26 -13.78 11.06
C ASP B 70 42.13 -14.20 12.52
N PRO B 71 40.96 -14.75 12.89
CA PRO B 71 40.78 -15.28 14.25
C PRO B 71 41.97 -16.12 14.70
N PRO B 77 41.36 -12.98 24.50
CA PRO B 77 41.32 -11.62 25.07
C PRO B 77 42.10 -11.41 26.39
N GLU B 78 42.08 -12.42 27.28
CA GLU B 78 42.67 -12.31 28.61
C GLU B 78 44.21 -12.39 28.57
N ASP B 79 44.75 -13.06 27.56
CA ASP B 79 46.19 -13.00 27.29
C ASP B 79 46.56 -11.75 26.46
N SER B 80 45.63 -11.26 25.65
CA SER B 80 45.85 -10.01 24.92
C SER B 80 45.95 -8.84 25.89
N ILE B 81 45.00 -8.78 26.83
CA ILE B 81 44.96 -7.75 27.87
C ILE B 81 46.26 -7.68 28.64
N SER B 82 46.84 -8.87 28.93
CA SER B 82 48.08 -9.00 29.67
C SER B 82 49.30 -8.67 28.81
N ILE B 83 49.30 -9.12 27.56
CA ILE B 83 50.40 -8.77 26.64
C ILE B 83 50.40 -7.27 26.34
N ILE B 84 49.20 -6.70 26.14
CA ILE B 84 49.09 -5.26 25.94
C ILE B 84 49.57 -4.49 27.17
N GLU B 85 49.19 -4.95 28.35
CA GLU B 85 49.48 -4.22 29.60
C GLU B 85 50.98 -4.19 29.93
N GLU B 86 51.72 -5.22 29.51
CA GLU B 86 53.17 -5.20 29.61
C GLU B 86 53.73 -4.21 28.57
N VAL B 87 53.30 -4.38 27.32
CA VAL B 87 53.87 -3.60 26.21
C VAL B 87 53.66 -2.10 26.35
N VAL B 88 52.50 -1.71 26.85
CA VAL B 88 52.15 -0.29 26.94
C VAL B 88 52.58 0.31 28.28
N SER B 92 50.28 6.66 31.51
CA SER B 92 49.21 6.73 30.51
C SER B 92 47.84 6.59 31.18
N VAL B 93 47.80 5.78 32.22
CA VAL B 93 46.63 5.65 33.09
C VAL B 93 45.43 5.10 32.34
N ILE B 94 45.50 3.82 31.98
CA ILE B 94 44.42 3.18 31.23
C ILE B 94 43.27 2.80 32.18
N SER B 95 42.08 3.30 31.88
CA SER B 95 40.91 2.97 32.64
C SER B 95 40.43 1.56 32.26
N SER B 96 40.05 1.37 30.99
CA SER B 96 39.42 0.12 30.53
C SER B 96 40.01 -0.45 29.23
N TYR B 97 39.48 -1.59 28.78
CA TYR B 97 39.74 -2.16 27.44
C TYR B 97 38.47 -2.82 26.90
N TYR B 98 38.25 -2.77 25.59
CA TYR B 98 37.14 -3.51 24.98
C TYR B 98 37.52 -4.06 23.60
N PHE B 99 37.55 -5.39 23.53
CA PHE B 99 37.99 -6.12 22.35
C PHE B 99 36.76 -6.40 21.45
N ASP B 100 36.52 -5.49 20.51
CA ASP B 100 35.36 -5.54 19.59
C ASP B 100 35.35 -6.82 18.77
N SER B 103 35.55 -6.95 15.20
CA SER B 103 36.43 -6.26 14.24
C SER B 103 37.92 -6.31 14.61
N GLY B 104 38.29 -7.10 15.61
CA GLY B 104 39.68 -7.20 16.01
C GLY B 104 40.32 -5.87 16.36
N GLU B 105 39.55 -4.98 16.99
CA GLU B 105 40.07 -3.70 17.54
C GLU B 105 40.18 -3.82 19.07
N VAL B 106 41.11 -3.08 19.68
CA VAL B 106 41.09 -2.85 21.13
C VAL B 106 40.93 -1.36 21.45
N ILE B 107 39.81 -1.03 22.08
CA ILE B 107 39.58 0.31 22.58
C ILE B 107 40.30 0.44 23.89
N ILE B 108 41.15 1.46 24.02
CA ILE B 108 41.86 1.75 25.25
C ILE B 108 41.36 3.08 25.77
N GLU B 109 40.97 3.12 27.04
CA GLU B 109 40.53 4.36 27.65
C GLU B 109 41.67 4.90 28.47
N ALA B 110 42.11 6.12 28.18
CA ALA B 110 43.21 6.73 28.88
C ALA B 110 42.88 8.15 29.29
N GLU B 111 43.34 8.54 30.47
CA GLU B 111 43.22 9.93 30.95
C GLU B 111 44.07 10.87 30.06
N LYS B 112 45.27 10.41 29.68
CA LYS B 112 46.13 11.14 28.75
C LYS B 112 46.35 10.31 27.47
N PRO B 113 45.46 10.47 26.47
CA PRO B 113 45.49 9.61 25.28
C PRO B 113 46.68 9.81 24.33
N GLY B 114 47.28 10.98 24.35
CA GLY B 114 48.42 11.26 23.48
C GLY B 114 49.63 10.41 23.80
N LEU B 115 49.78 10.05 25.07
CA LEU B 115 50.94 9.31 25.55
C LEU B 115 50.91 7.86 25.05
N VAL B 116 49.71 7.30 24.92
CA VAL B 116 49.57 5.96 24.38
C VAL B 116 49.74 5.89 22.83
N ILE B 117 49.36 6.95 22.10
CA ILE B 117 49.58 7.00 20.65
C ILE B 117 51.06 7.27 20.33
N GLY B 121 52.39 8.11 15.81
CA GLY B 121 51.77 6.78 15.81
C GLY B 121 52.78 5.70 16.14
N ALA B 122 54.02 6.11 16.40
CA ALA B 122 55.11 5.19 16.73
C ALA B 122 54.71 4.08 17.71
N THR B 123 54.15 4.48 18.85
CA THR B 123 53.84 3.55 19.95
C THR B 123 52.65 2.63 19.65
N LEU B 124 51.65 3.16 18.93
CA LEU B 124 50.50 2.37 18.45
C LEU B 124 50.96 1.31 17.43
N ARG B 125 52.00 1.67 16.67
CA ARG B 125 52.56 0.78 15.66
C ARG B 125 53.25 -0.39 16.36
N GLU B 126 54.11 -0.06 17.32
CA GLU B 126 54.80 -1.07 18.15
C GLU B 126 53.84 -1.96 18.93
N ILE B 127 52.68 -1.43 19.32
CA ILE B 127 51.69 -2.20 20.09
C ILE B 127 51.00 -3.23 19.20
N THR B 128 50.59 -2.80 18.00
CA THR B 128 50.03 -3.73 17.00
C THR B 128 51.08 -4.79 16.62
N LYS B 129 52.33 -4.37 16.40
CA LYS B 129 53.40 -5.31 16.01
C LYS B 129 53.43 -6.50 16.97
N GLN B 130 53.47 -6.18 18.26
CA GLN B 130 53.57 -7.18 19.30
C GLN B 130 52.26 -7.92 19.63
N ILE B 131 51.09 -7.27 19.48
CA ILE B 131 49.82 -7.87 19.91
C ILE B 131 48.80 -8.16 18.81
N GLY B 132 49.02 -7.60 17.60
CA GLY B 132 48.13 -7.86 16.45
C GLY B 132 46.89 -6.98 16.41
N TRP B 133 46.12 -7.01 17.50
CA TRP B 133 44.98 -6.13 17.70
C TRP B 133 45.30 -4.71 17.30
N ILE B 134 44.34 -4.01 16.71
CA ILE B 134 44.54 -2.61 16.34
C ILE B 134 44.06 -1.69 17.48
N PRO B 135 44.96 -0.86 18.03
CA PRO B 135 44.55 0.04 19.10
C PRO B 135 43.81 1.30 18.64
N LYS B 136 42.65 1.55 19.24
CA LYS B 136 41.91 2.78 19.07
C LYS B 136 41.88 3.43 20.42
N VAL B 137 42.64 4.51 20.59
CA VAL B 137 42.74 5.12 21.90
C VAL B 137 41.71 6.22 22.04
N VAL B 138 41.15 6.33 23.23
CA VAL B 138 40.01 7.20 23.49
C VAL B 138 40.20 7.81 24.88
N ARG B 139 39.73 9.03 25.06
CA ARG B 139 39.87 9.74 26.31
C ARG B 139 38.91 9.15 27.33
N THR B 140 39.39 8.95 28.57
CA THR B 140 38.60 8.28 29.61
C THR B 140 37.39 9.09 30.01
N PRO B 141 36.19 8.52 29.77
CA PRO B 141 34.97 9.24 30.08
C PRO B 141 34.86 9.57 31.55
N PRO B 142 34.46 10.82 31.86
CA PRO B 142 34.30 11.26 33.25
C PRO B 142 33.29 10.37 33.98
N ILE B 143 32.31 9.87 33.21
CA ILE B 143 31.18 9.08 33.73
C ILE B 143 31.19 7.67 33.13
N LYS B 144 30.85 6.67 33.94
CA LYS B 144 30.87 5.27 33.52
C LYS B 144 29.45 4.90 33.06
N SER B 145 29.31 4.45 31.82
CA SER B 145 28.05 3.93 31.37
C SER B 145 27.98 2.44 31.59
N ARG B 146 27.07 2.05 32.47
CA ARG B 146 26.83 0.65 32.78
C ARG B 146 26.16 -0.06 31.59
N THR B 147 25.41 0.68 30.79
CA THR B 147 24.78 0.13 29.59
C THR B 147 25.80 -0.17 28.52
N VAL B 148 26.70 0.78 28.26
CA VAL B 148 27.72 0.56 27.24
C VAL B 148 28.53 -0.68 27.53
N LYS B 149 28.89 -0.88 28.81
CA LYS B 149 29.65 -2.05 29.24
C LYS B 149 28.85 -3.35 29.11
N ASN B 150 27.57 -3.33 29.50
CA ASN B 150 26.73 -4.55 29.39
C ASN B 150 26.56 -4.99 27.96
N ILE B 151 26.34 -4.03 27.06
CA ILE B 151 26.24 -4.30 25.63
C ILE B 151 27.56 -4.92 25.09
N ARG B 152 28.68 -4.33 25.45
CA ARG B 152 29.96 -4.88 24.99
C ARG B 152 30.16 -6.31 25.41
N GLU B 153 29.87 -6.64 26.68
CA GLU B 153 29.95 -8.02 27.17
C GLU B 153 28.97 -8.94 26.46
N PHE B 154 27.76 -8.45 26.21
CA PHE B 154 26.72 -9.20 25.51
C PHE B 154 27.14 -9.53 24.05
N MET B 155 27.78 -8.59 23.39
CA MET B 155 28.29 -8.84 22.04
C MET B 155 29.41 -9.89 21.99
N ARG B 156 30.33 -9.87 22.96
CA ARG B 156 31.36 -10.93 23.11
C ARG B 156 30.74 -12.30 23.38
N ASN B 157 29.76 -12.37 24.28
CA ASN B 157 29.10 -13.62 24.59
C ASN B 157 28.34 -14.26 23.42
N ASN B 158 28.06 -13.45 22.38
CA ASN B 158 27.23 -13.84 21.24
C ASN B 158 27.96 -13.70 19.87
N LEU B 159 29.29 -13.68 19.91
CA LEU B 159 30.08 -13.53 18.69
C LEU B 159 29.75 -14.52 17.58
N LYS B 160 29.49 -15.80 17.86
CA LYS B 160 29.23 -16.80 16.80
C LYS B 160 27.95 -16.50 16.02
N GLU B 161 26.86 -16.24 16.74
CA GLU B 161 25.58 -15.94 16.08
C GLU B 161 25.67 -14.63 15.30
N ARG B 162 26.36 -13.66 15.88
CA ARG B 162 26.57 -12.35 15.28
C ARG B 162 27.27 -12.41 13.93
N LYS B 163 28.39 -13.11 13.89
CA LYS B 163 29.11 -13.32 12.64
C LYS B 163 28.21 -13.98 11.60
N GLU B 164 27.38 -14.91 12.04
CA GLU B 164 26.49 -15.61 11.13
C GLU B 164 25.37 -14.73 10.62
N ILE B 165 24.82 -13.88 11.49
CA ILE B 165 23.80 -12.93 11.08
C ILE B 165 24.39 -11.90 10.12
N LEU B 166 25.63 -11.46 10.33
CA LEU B 166 26.27 -10.54 9.39
C LEU B 166 26.46 -11.19 8.03
N LYS B 167 26.83 -12.47 8.00
CA LYS B 167 27.01 -13.14 6.73
C LYS B 167 25.72 -13.23 5.96
N THR B 168 24.62 -13.45 6.67
CA THR B 168 23.32 -13.68 6.02
C THR B 168 22.81 -12.37 5.43
N VAL B 169 22.86 -11.35 6.26
CA VAL B 169 22.49 -10.00 5.86
C VAL B 169 23.34 -9.53 4.70
N GLY B 170 24.64 -9.82 4.78
CA GLY B 170 25.61 -9.42 3.75
C GLY B 170 25.25 -9.98 2.39
N ARG B 171 25.09 -11.31 2.30
CA ARG B 171 24.75 -11.99 1.04
C ARG B 171 23.40 -11.54 0.45
N LYS B 172 22.48 -11.13 1.30
CA LYS B 172 21.20 -10.65 0.85
C LYS B 172 21.36 -9.23 0.22
N ILE B 173 22.18 -8.39 0.84
CA ILE B 173 22.49 -7.08 0.28
C ILE B 173 23.08 -7.23 -1.14
N HIS B 174 23.92 -8.23 -1.33
CA HIS B 174 24.63 -8.38 -2.59
C HIS B 174 24.01 -9.42 -3.50
N ARG B 175 22.74 -9.72 -3.30
CA ARG B 175 21.99 -10.47 -4.29
C ARG B 175 21.89 -9.57 -5.53
N GLU B 176 21.67 -10.20 -6.68
CA GLU B 176 21.54 -9.44 -7.93
C GLU B 176 20.11 -8.93 -8.15
N CYS B 177 20.00 -7.80 -8.87
CA CYS B 177 18.70 -7.18 -9.20
C CYS B 177 17.98 -8.09 -10.19
N THR B 178 16.65 -8.08 -10.15
CA THR B 178 15.82 -8.97 -11.01
C THR B 178 14.59 -8.32 -11.70
N SER B 179 14.32 -7.05 -11.44
CA SER B 179 13.23 -6.38 -12.13
C SER B 179 13.73 -5.48 -13.24
N LYS B 180 13.00 -5.51 -14.34
CA LYS B 180 13.18 -4.54 -15.41
C LYS B 180 12.25 -3.33 -15.23
N ASP B 181 11.78 -3.08 -13.98
CA ASP B 181 10.91 -1.93 -13.67
C ASP B 181 11.67 -1.04 -12.72
N GLN B 182 11.41 0.26 -12.80
CA GLN B 182 11.88 1.12 -11.76
C GLN B 182 10.73 1.96 -11.29
N TRP B 183 10.61 2.03 -9.96
CA TRP B 183 9.74 2.92 -9.25
C TRP B 183 10.17 2.99 -7.79
N VAL B 184 9.71 4.01 -7.12
CA VAL B 184 9.93 4.17 -5.70
C VAL B 184 8.61 4.66 -5.09
N ARG B 185 8.30 4.18 -3.89
CA ARG B 185 7.14 4.65 -3.18
C ARG B 185 7.28 4.55 -1.68
N VAL B 186 6.51 5.35 -0.97
CA VAL B 186 6.49 5.34 0.50
C VAL B 186 5.09 5.04 1.01
N THR B 187 4.94 4.00 1.84
CA THR B 187 3.67 3.69 2.50
C THR B 187 3.83 4.09 3.95
N ALA B 188 2.78 4.69 4.53
CA ALA B 188 2.82 5.12 5.94
C ALA B 188 2.10 4.08 6.81
N LEU B 189 2.74 3.67 7.89
CA LEU B 189 2.12 2.71 8.76
C LEU B 189 1.85 3.25 10.17
N GLY B 190 2.22 4.49 10.41
CA GLY B 190 1.94 5.19 11.64
C GLY B 190 2.77 6.45 11.67
N GLY B 191 2.36 7.46 12.41
CA GLY B 191 3.13 8.69 12.52
C GLY B 191 2.64 9.80 11.59
N CYS B 192 1.42 9.66 11.10
CA CYS B 192 0.86 10.60 10.15
C CYS B 192 -0.37 11.24 10.72
N LYS B 193 -0.37 12.57 10.72
CA LYS B 193 -1.46 13.37 11.33
C LYS B 193 -1.58 13.02 12.80
N GLU B 194 -0.47 12.54 13.37
CA GLU B 194 -0.37 12.23 14.80
C GLU B 194 1.13 12.31 15.18
N VAL B 195 1.36 12.47 16.47
CA VAL B 195 2.68 12.24 17.03
C VAL B 195 2.58 10.88 17.59
N GLY B 196 3.56 10.03 17.37
CA GLY B 196 3.45 8.67 17.89
C GLY B 196 3.46 7.63 16.79
N ARG B 197 4.06 6.49 17.13
CA ARG B 197 4.14 5.28 16.33
C ARG B 197 4.55 5.49 14.88
N SER B 198 5.54 6.35 14.69
CA SER B 198 6.22 6.52 13.44
C SER B 198 6.66 5.18 12.94
N CYS B 199 6.45 4.98 11.63
CA CYS B 199 6.79 3.75 10.95
C CYS B 199 6.44 3.92 9.46
N PHE B 200 7.43 3.81 8.58
CA PHE B 200 7.25 4.11 7.17
C PHE B 200 7.88 3.01 6.32
N LEU B 201 7.31 2.75 5.17
CA LEU B 201 7.92 1.74 4.29
C LEU B 201 8.38 2.44 3.04
N LEU B 202 9.66 2.36 2.72
CA LEU B 202 10.20 2.84 1.44
C LEU B 202 10.41 1.61 0.62
N SER B 203 9.92 1.59 -0.62
CA SER B 203 9.97 0.37 -1.37
C SER B 203 10.28 0.64 -2.83
N THR B 204 10.93 -0.37 -3.42
CA THR B 204 11.26 -0.36 -4.83
C THR B 204 10.87 -1.74 -5.30
N PRO B 205 11.08 -2.03 -6.58
CA PRO B 205 10.76 -3.38 -7.01
C PRO B 205 11.63 -4.45 -6.37
N GLU B 206 12.82 -4.09 -5.92
CA GLU B 206 13.78 -5.06 -5.35
C GLU B 206 13.78 -4.99 -3.83
N SER B 207 13.25 -3.93 -3.23
CA SER B 207 13.59 -3.68 -1.88
C SER B 207 12.51 -3.01 -1.08
N ARG B 208 12.51 -3.34 0.20
CA ARG B 208 11.56 -2.82 1.16
C ARG B 208 12.33 -2.47 2.40
N ILE B 209 12.23 -1.20 2.78
CA ILE B 209 12.98 -0.65 3.87
C ILE B 209 11.94 -0.07 4.78
N LEU B 210 12.11 -0.35 6.07
CA LEU B 210 11.24 0.19 7.09
C LEU B 210 11.98 1.27 7.83
N ILE B 211 11.46 2.50 7.81
CA ILE B 211 12.05 3.55 8.61
C ILE B 211 11.20 3.73 9.87
N ASP B 212 11.84 3.48 11.02
CA ASP B 212 11.23 3.59 12.35
C ASP B 212 10.13 2.54 12.59
N CYS B 213 9.90 2.24 13.87
CA CYS B 213 8.79 1.48 14.28
C CYS B 213 8.45 1.78 15.72
N GLY B 214 7.67 2.85 15.96
CA GLY B 214 7.51 3.42 17.29
C GLY B 214 6.35 2.92 18.12
N VAL B 215 6.33 3.27 19.40
CA VAL B 215 5.18 3.08 20.25
C VAL B 215 4.27 4.27 20.11
N ASN B 216 2.99 4.12 20.44
CA ASN B 216 2.12 5.27 20.45
C ASN B 216 2.42 6.17 21.67
N VAL B 217 2.13 7.45 21.47
CA VAL B 217 2.17 8.49 22.48
C VAL B 217 0.78 9.06 22.47
N GLY B 218 0.09 9.03 23.60
CA GLY B 218 -1.28 9.57 23.68
C GLY B 218 -2.16 8.80 24.66
N SER B 219 -3.49 8.86 24.42
CA SER B 219 -4.47 8.25 25.31
C SER B 219 -4.26 6.74 25.44
N ASP B 220 -4.16 6.04 24.30
CA ASP B 220 -4.01 4.58 24.30
C ASP B 220 -2.59 4.16 23.97
N GLU B 221 -1.94 3.53 24.95
CA GLU B 221 -0.53 3.09 24.88
C GLU B 221 -0.35 1.82 24.07
N ASN B 222 -1.36 0.95 24.08
CA ASN B 222 -1.26 -0.31 23.35
C ASN B 222 -1.14 -0.11 21.82
N MET B 223 -1.72 0.96 21.28
CA MET B 223 -1.79 1.23 19.83
C MET B 223 -0.43 1.16 19.08
N THR B 224 -0.38 0.28 18.10
CA THR B 224 0.84 0.06 17.36
C THR B 224 0.68 0.63 15.96
N PRO B 225 1.77 0.72 15.22
CA PRO B 225 1.60 0.97 13.79
C PRO B 225 0.83 -0.19 13.13
N TYR B 226 0.31 0.05 11.93
CA TYR B 226 -0.41 -1.00 11.19
C TYR B 226 0.60 -2.00 10.59
N LEU B 227 1.15 -2.86 11.45
CA LEU B 227 2.16 -3.81 11.01
C LEU B 227 1.55 -5.06 10.34
N TYR B 228 0.23 -5.23 10.33
CA TYR B 228 -0.35 -6.53 9.97
C TYR B 228 -0.86 -6.55 8.51
N VAL B 229 -0.47 -5.57 7.72
CA VAL B 229 -0.99 -5.34 6.37
C VAL B 229 -0.12 -5.92 5.32
N PRO B 230 -0.66 -6.18 4.13
CA PRO B 230 0.09 -6.90 3.09
C PRO B 230 1.43 -6.30 2.72
N GLU B 231 1.62 -5.02 2.94
CA GLU B 231 2.87 -4.33 2.61
C GLU B 231 3.99 -4.64 3.55
N VAL B 232 3.68 -5.16 4.73
CA VAL B 232 4.70 -5.45 5.72
C VAL B 232 4.81 -6.95 6.00
N PHE B 233 3.69 -7.67 5.96
CA PHE B 233 3.69 -9.14 6.12
C PHE B 233 3.83 -9.75 4.73
N PRO B 234 4.76 -10.71 4.54
CA PRO B 234 5.56 -11.34 5.60
C PRO B 234 6.81 -10.52 5.85
N LEU B 235 7.15 -10.39 7.13
CA LEU B 235 8.28 -9.61 7.57
C LEU B 235 9.62 -10.00 6.93
N ASN B 236 9.80 -11.24 6.52
CA ASN B 236 11.02 -11.61 5.80
C ASN B 236 11.23 -10.84 4.48
N GLN B 237 10.16 -10.27 3.93
CA GLN B 237 10.26 -9.40 2.75
C GLN B 237 10.95 -8.06 3.06
N ILE B 238 11.28 -7.80 4.34
CA ILE B 238 11.88 -6.54 4.70
C ILE B 238 13.41 -6.61 4.71
N ASP B 239 14.05 -5.86 3.82
CA ASP B 239 15.49 -5.82 3.72
C ASP B 239 16.18 -5.19 4.94
N ALA B 240 15.58 -4.14 5.51
CA ALA B 240 16.19 -3.45 6.66
C ALA B 240 15.23 -2.60 7.45
N VAL B 241 15.60 -2.31 8.68
CA VAL B 241 14.89 -1.38 9.50
C VAL B 241 15.89 -0.28 9.81
N ILE B 242 15.48 0.98 9.60
CA ILE B 242 16.30 2.09 10.03
C ILE B 242 15.68 2.75 11.25
N VAL B 243 16.47 3.00 12.27
CA VAL B 243 16.03 3.73 13.44
C VAL B 243 16.68 5.11 13.36
N THR B 244 15.86 6.14 13.30
CA THR B 244 16.34 7.49 13.08
C THR B 244 16.93 8.08 14.35
N HIS B 245 16.35 7.76 15.51
CA HIS B 245 16.90 8.18 16.79
C HIS B 245 16.26 7.35 17.89
N ALA B 246 16.75 7.50 19.11
CA ALA B 246 16.47 6.55 20.17
C ALA B 246 15.13 6.70 20.84
N HIS B 247 14.37 7.74 20.51
CA HIS B 247 13.10 7.95 21.20
C HIS B 247 12.15 6.76 21.03
N LEU B 248 11.48 6.41 22.12
CA LEU B 248 10.54 5.31 22.11
C LEU B 248 9.53 5.38 20.97
N ASP B 249 9.04 6.59 20.65
CA ASP B 249 8.05 6.78 19.61
C ASP B 249 8.65 6.55 18.25
N HIS B 250 9.91 6.12 18.16
CA HIS B 250 10.55 5.75 16.89
C HIS B 250 11.25 4.35 16.80
N GLN B 251 11.64 3.80 17.96
CA GLN B 251 12.30 2.50 18.05
C GLN B 251 11.54 1.50 18.95
N GLY B 252 10.61 2.00 19.75
CA GLY B 252 10.03 1.19 20.80
C GLY B 252 9.38 -0.14 20.45
N LEU B 253 8.92 -0.30 19.21
CA LEU B 253 8.33 -1.55 18.78
C LEU B 253 9.21 -2.30 17.78
N VAL B 254 10.44 -1.84 17.58
CA VAL B 254 11.34 -2.60 16.77
C VAL B 254 11.50 -4.04 17.28
N PRO B 255 11.53 -4.26 18.60
CA PRO B 255 11.59 -5.63 19.00
C PRO B 255 10.34 -6.43 18.67
N LEU B 256 9.18 -5.79 18.50
CA LEU B 256 7.96 -6.53 18.15
C LEU B 256 8.12 -7.12 16.75
N LEU B 257 8.82 -6.39 15.87
CA LEU B 257 9.15 -6.92 14.54
C LEU B 257 9.86 -8.26 14.65
N PHE B 258 10.82 -8.34 15.56
CA PHE B 258 11.53 -9.61 15.76
C PHE B 258 10.61 -10.69 16.36
N LYS B 259 9.77 -10.30 17.30
CA LYS B 259 8.84 -11.23 17.88
C LYS B 259 8.00 -11.90 16.80
N TYR B 260 7.68 -11.13 15.77
CA TYR B 260 6.84 -11.57 14.68
C TYR B 260 7.63 -12.15 13.50
N GLY B 261 8.92 -12.43 13.68
CA GLY B 261 9.70 -13.18 12.68
C GLY B 261 10.60 -12.42 11.71
N TYR B 262 10.84 -11.13 11.96
CA TYR B 262 11.85 -10.39 11.25
C TYR B 262 13.22 -10.90 11.66
N GLU B 263 14.12 -10.97 10.69
CA GLU B 263 15.47 -11.49 10.93
C GLU B 263 16.60 -10.77 10.15
N GLY B 264 16.31 -9.55 9.69
CA GLY B 264 17.29 -8.71 9.05
C GLY B 264 17.92 -7.70 10.02
N PRO B 265 18.64 -6.71 9.48
CA PRO B 265 19.37 -5.75 10.25
C PRO B 265 18.54 -4.55 10.69
N VAL B 266 19.00 -3.91 11.77
CA VAL B 266 18.49 -2.65 12.22
C VAL B 266 19.67 -1.69 12.11
N TYR B 267 19.53 -0.62 11.33
CA TYR B 267 20.65 0.33 11.10
C TYR B 267 20.34 1.60 11.86
N CYS B 268 21.33 2.08 12.64
CA CYS B 268 21.21 3.33 13.38
C CYS B 268 22.59 3.83 13.76
N THR B 269 22.68 5.00 14.37
CA THR B 269 24.00 5.56 14.78
C THR B 269 24.47 4.82 16.01
N PRO B 270 25.75 4.88 16.31
CA PRO B 270 26.21 4.18 17.55
C PRO B 270 25.54 4.63 18.85
N PRO B 271 25.37 5.93 19.05
CA PRO B 271 24.69 6.34 20.28
C PRO B 271 23.23 5.92 20.30
N THR B 272 22.55 5.96 19.16
CA THR B 272 21.21 5.46 19.10
C THR B 272 21.18 4.03 19.62
N ARG B 273 22.13 3.24 19.20
CA ARG B 273 22.12 1.85 19.55
C ARG B 273 22.07 1.73 21.06
N ASP B 274 22.97 2.44 21.72
CA ASP B 274 23.08 2.34 23.19
C ASP B 274 21.82 2.83 23.91
N LEU B 275 21.25 3.95 23.43
CA LEU B 275 20.07 4.55 24.03
C LEU B 275 18.89 3.65 23.83
N MET B 276 18.75 3.10 22.62
CA MET B 276 17.64 2.24 22.27
C MET B 276 17.55 1.04 23.23
N VAL B 277 18.69 0.41 23.50
CA VAL B 277 18.70 -0.72 24.43
C VAL B 277 18.25 -0.26 25.83
N LEU B 278 18.78 0.87 26.26
CA LEU B 278 18.46 1.42 27.58
C LEU B 278 16.97 1.70 27.70
N LEU B 279 16.45 2.45 26.74
CA LEU B 279 15.06 2.82 26.79
C LEU B 279 14.12 1.64 26.60
N GLN B 280 14.50 0.68 25.77
CA GLN B 280 13.64 -0.47 25.56
C GLN B 280 13.53 -1.33 26.81
N LEU B 281 14.66 -1.69 27.41
CA LEU B 281 14.62 -2.53 28.61
C LEU B 281 13.84 -1.83 29.68
N ASP B 282 13.96 -0.51 29.74
CA ASP B 282 13.24 0.26 30.73
C ASP B 282 11.75 0.33 30.41
N TYR B 283 11.39 0.39 29.15
CA TYR B 283 10.01 0.47 28.77
C TYR B 283 9.28 -0.73 29.31
N ILE B 284 9.77 -1.93 28.99
CA ILE B 284 9.08 -3.14 29.39
C ILE B 284 9.17 -3.45 30.88
N ASP B 285 10.19 -2.91 31.55
CA ASP B 285 10.34 -3.09 32.99
C ASP B 285 9.30 -2.25 33.72
N VAL B 286 9.26 -0.96 33.40
CA VAL B 286 8.23 -0.07 33.95
C VAL B 286 6.84 -0.57 33.62
N ALA B 287 6.61 -1.03 32.40
CA ALA B 287 5.30 -1.54 32.00
C ALA B 287 4.81 -2.67 32.89
N ALA B 288 5.75 -3.49 33.39
CA ALA B 288 5.42 -4.60 34.29
C ALA B 288 5.00 -4.11 35.67
N LYS B 289 5.70 -3.10 36.19
CA LYS B 289 5.48 -2.63 37.56
C LYS B 289 4.18 -1.84 37.64
N GLU B 290 3.92 -1.05 36.60
CA GLU B 290 2.75 -0.20 36.56
C GLU B 290 1.52 -1.01 36.16
N GLY B 291 1.73 -2.17 35.55
CA GLY B 291 0.63 -3.12 35.27
C GLY B 291 -0.08 -2.89 33.94
N LYS B 292 0.67 -2.43 32.95
CA LYS B 292 0.14 -2.22 31.61
C LYS B 292 0.45 -3.44 30.75
N LYS B 293 0.09 -3.41 29.45
CA LYS B 293 0.41 -4.51 28.53
C LYS B 293 1.87 -4.37 28.13
N ILE B 294 2.53 -5.52 28.06
CA ILE B 294 3.96 -5.68 27.82
C ILE B 294 4.02 -6.23 26.41
N PRO B 295 4.51 -5.46 25.43
CA PRO B 295 4.39 -5.93 24.04
C PRO B 295 5.38 -7.06 23.66
N TYR B 296 6.59 -7.03 24.21
CA TYR B 296 7.57 -8.09 24.02
C TYR B 296 8.36 -8.35 25.30
N GLU B 297 9.05 -9.49 25.36
CA GLU B 297 9.94 -9.80 26.50
C GLU B 297 11.40 -9.35 26.24
N SER B 298 12.22 -9.33 27.29
CA SER B 298 13.60 -8.81 27.21
C SER B 298 14.44 -9.59 26.22
N GLY B 299 14.13 -10.86 26.03
CA GLY B 299 14.78 -11.65 24.99
C GLY B 299 14.70 -11.06 23.58
N MET B 300 13.67 -10.29 23.29
CA MET B 300 13.54 -9.67 21.97
C MET B 300 14.37 -8.42 21.85
N VAL B 301 14.74 -7.82 22.98
CA VAL B 301 15.69 -6.69 22.96
C VAL B 301 17.07 -7.28 22.64
N ALA B 302 17.41 -8.39 23.25
CA ALA B 302 18.66 -9.09 22.90
C ALA B 302 18.76 -9.42 21.41
N LYS B 303 17.67 -9.95 20.88
CA LYS B 303 17.63 -10.32 19.48
C LYS B 303 17.77 -9.09 18.58
N THR B 304 17.17 -7.96 18.96
CA THR B 304 17.30 -6.76 18.18
C THR B 304 18.73 -6.24 18.20
N LEU B 305 19.41 -6.36 19.35
CA LEU B 305 20.76 -5.86 19.46
C LEU B 305 21.72 -6.72 18.62
N LYS B 306 21.50 -8.03 18.59
CA LYS B 306 22.33 -8.94 17.77
C LYS B 306 22.17 -8.62 16.31
N HIS B 307 21.08 -7.96 15.95
CA HIS B 307 20.86 -7.57 14.57
C HIS B 307 21.11 -6.12 14.34
N THR B 308 21.60 -5.38 15.33
CA THR B 308 21.83 -3.98 15.08
C THR B 308 23.23 -3.73 14.48
N ILE B 309 23.27 -2.92 13.43
CA ILE B 309 24.52 -2.53 12.78
C ILE B 309 24.70 -1.01 12.80
N PRO B 310 25.55 -0.52 13.68
CA PRO B 310 25.69 0.94 13.75
C PRO B 310 26.43 1.49 12.59
N LEU B 311 26.06 2.69 12.14
CA LEU B 311 26.75 3.44 11.12
C LEU B 311 26.98 4.82 11.59
N ASP B 312 28.15 5.37 11.34
CA ASP B 312 28.42 6.76 11.66
C ASP B 312 27.84 7.72 10.62
N TYR B 313 27.63 8.98 11.04
CA TYR B 313 27.29 10.02 10.10
C TYR B 313 28.24 9.99 8.89
N GLU B 314 27.65 10.29 7.72
CA GLU B 314 28.40 10.51 6.46
C GLU B 314 29.05 9.27 5.85
N GLU B 315 28.62 8.10 6.28
CA GLU B 315 29.21 6.86 5.88
C GLU B 315 28.16 6.22 4.95
N VAL B 316 28.45 6.24 3.65
CA VAL B 316 27.56 5.76 2.60
C VAL B 316 27.56 4.24 2.58
N THR B 317 26.38 3.65 2.69
CA THR B 317 26.26 2.25 3.07
C THR B 317 25.24 1.57 2.17
N ASP B 318 25.71 0.59 1.38
CA ASP B 318 24.82 -0.26 0.60
C ASP B 318 23.99 -1.07 1.60
N ILE B 319 22.67 -0.82 1.67
CA ILE B 319 21.79 -1.63 2.50
C ILE B 319 20.90 -2.60 1.70
N ALA B 320 20.99 -2.51 0.37
CA ALA B 320 20.19 -3.30 -0.52
C ALA B 320 20.77 -3.22 -1.92
N PRO B 321 20.32 -4.09 -2.82
CA PRO B 321 20.96 -4.09 -4.13
C PRO B 321 20.83 -2.74 -4.87
N ASP B 322 19.88 -1.91 -4.47
CA ASP B 322 19.64 -0.67 -5.18
C ASP B 322 19.43 0.50 -4.25
N ILE B 323 19.85 0.38 -3.00
CA ILE B 323 19.67 1.47 -2.06
C ILE B 323 20.93 1.70 -1.24
N LYS B 324 21.40 2.95 -1.24
CA LYS B 324 22.51 3.37 -0.40
C LYS B 324 22.00 4.36 0.61
N LEU B 325 22.38 4.17 1.86
CA LEU B 325 21.94 5.00 2.98
C LEU B 325 23.12 5.79 3.55
N THR B 326 22.84 7.06 3.89
CA THR B 326 23.79 7.93 4.60
C THR B 326 23.09 8.66 5.73
N PHE B 327 23.61 8.53 6.94
CA PHE B 327 23.06 9.30 8.05
C PHE B 327 23.77 10.64 8.16
N HIS B 328 23.03 11.67 8.59
CA HIS B 328 23.62 12.99 8.84
C HIS B 328 23.07 13.53 10.16
N ASN B 329 23.74 14.51 10.74
CA ASN B 329 23.31 15.08 11.99
C ASN B 329 21.91 15.67 11.94
N ALA B 330 21.06 15.34 12.91
CA ALA B 330 19.67 15.87 12.91
C ALA B 330 19.53 16.99 13.91
N GLY B 331 20.40 17.02 14.93
CA GLY B 331 20.35 18.04 15.97
C GLY B 331 19.27 17.85 17.02
N HIS B 332 18.64 16.69 17.09
CA HIS B 332 17.48 16.48 17.95
C HIS B 332 17.92 15.89 19.28
N ILE B 333 18.52 14.70 19.26
CA ILE B 333 19.08 14.11 20.46
C ILE B 333 20.36 13.42 20.04
N LEU B 334 21.13 12.99 21.03
CA LEU B 334 22.39 12.34 20.82
C LEU B 334 22.22 11.25 19.83
N GLY B 335 22.83 11.41 18.67
CA GLY B 335 22.88 10.34 17.67
C GLY B 335 21.76 10.43 16.68
N SER B 336 20.90 11.43 16.80
CA SER B 336 19.74 11.57 15.90
C SER B 336 20.22 11.76 14.47
N ALA B 337 19.57 11.12 13.55
CA ALA B 337 20.05 11.15 12.17
C ALA B 337 18.97 11.61 11.24
N ILE B 338 19.41 12.20 10.18
CA ILE B 338 18.64 12.46 9.00
C ILE B 338 19.07 11.35 8.03
N SER B 339 18.12 10.74 7.38
CA SER B 339 18.40 9.57 6.60
C SER B 339 18.28 9.87 5.13
N HIS B 340 19.38 9.84 4.42
CA HIS B 340 19.37 10.01 2.99
C HIS B 340 19.48 8.65 2.25
N PHE B 341 18.54 8.40 1.36
CA PHE B 341 18.50 7.17 0.58
C PHE B 341 18.68 7.44 -0.89
N HIS B 342 19.72 6.85 -1.44
CA HIS B 342 20.13 7.04 -2.83
C HIS B 342 19.70 5.78 -3.50
N ILE B 343 18.74 5.88 -4.42
CA ILE B 343 18.11 4.73 -5.03
C ILE B 343 18.56 4.55 -6.45
N GLY B 344 19.08 3.36 -6.74
CA GLY B 344 19.60 3.03 -8.07
C GLY B 344 20.91 3.72 -8.39
N ASP B 345 21.23 3.84 -9.66
CA ASP B 345 22.34 4.68 -10.11
C ASP B 345 21.69 6.03 -10.41
N GLY B 346 21.45 6.81 -9.37
CA GLY B 346 20.82 8.12 -9.52
C GLY B 346 19.37 8.13 -9.98
N LEU B 347 18.59 7.11 -9.65
CA LEU B 347 17.21 7.12 -10.06
C LEU B 347 16.49 8.18 -9.24
N HIS B 348 16.64 8.14 -7.93
CA HIS B 348 15.94 9.02 -7.07
C HIS B 348 16.65 9.12 -5.74
N ASN B 349 16.44 10.24 -5.06
CA ASN B 349 17.03 10.43 -3.75
C ASN B 349 15.96 10.97 -2.84
N VAL B 350 15.75 10.29 -1.70
CA VAL B 350 14.71 10.70 -0.78
C VAL B 350 15.33 10.86 0.60
N VAL B 351 14.95 11.93 1.30
CA VAL B 351 15.38 12.16 2.66
C VAL B 351 14.27 12.05 3.67
N PHE B 352 14.47 11.22 4.67
CA PHE B 352 13.56 11.16 5.79
C PHE B 352 14.25 11.91 6.85
N THR B 353 13.63 12.93 7.42
CA THR B 353 14.33 13.78 8.37
C THR B 353 14.36 13.17 9.73
N GLY B 354 13.39 12.33 10.06
CA GLY B 354 13.17 11.95 11.48
C GLY B 354 12.83 13.25 12.21
N ASP B 355 13.08 13.28 13.51
CA ASP B 355 12.93 14.47 14.32
C ASP B 355 14.24 15.27 14.17
N TYR B 356 14.17 16.59 14.00
CA TYR B 356 15.34 17.38 13.82
C TYR B 356 15.20 18.77 14.35
N LYS B 357 16.35 19.44 14.56
CA LYS B 357 16.37 20.84 14.93
C LYS B 357 17.39 21.62 14.11
N TYR B 358 16.87 22.49 13.26
CA TYR B 358 17.67 23.34 12.40
C TYR B 358 18.15 24.54 13.12
N GLU B 359 19.00 24.34 14.12
CA GLU B 359 19.51 25.44 14.94
C GLU B 359 20.60 24.88 15.80
N LYS B 360 21.65 25.64 16.04
CA LYS B 360 22.74 25.17 16.93
C LYS B 360 22.25 25.28 18.36
N THR B 361 22.41 24.22 19.14
CA THR B 361 21.91 24.16 20.51
C THR B 361 23.10 23.96 21.44
N ARG B 362 22.87 23.91 22.75
CA ARG B 362 23.97 23.70 23.65
C ARG B 362 24.69 22.38 23.39
N LEU B 363 23.97 21.36 22.95
CA LEU B 363 24.54 20.01 22.80
C LEU B 363 24.96 19.67 21.37
N PHE B 364 24.19 20.12 20.40
CA PHE B 364 24.32 19.62 19.03
C PHE B 364 24.48 20.70 17.96
N ASP B 365 24.88 20.29 16.77
CA ASP B 365 24.97 21.20 15.63
C ASP B 365 23.64 21.15 14.90
N PRO B 366 23.39 22.10 14.01
CA PRO B 366 22.10 22.13 13.32
C PRO B 366 21.90 20.94 12.45
N ALA B 367 20.65 20.55 12.27
CA ALA B 367 20.27 19.52 11.34
C ALA B 367 20.92 19.86 10.00
N VAL B 368 21.28 18.83 9.25
CA VAL B 368 21.91 19.00 7.94
C VAL B 368 20.85 19.01 6.84
N ASN B 369 20.97 19.96 5.92
CA ASN B 369 20.14 20.00 4.73
C ASN B 369 20.91 20.22 3.42
N LYS B 370 22.18 19.79 3.35
CA LYS B 370 23.01 19.83 2.13
C LYS B 370 23.26 18.38 1.74
N PHE B 371 22.96 17.99 0.52
CA PHE B 371 23.14 16.59 0.11
C PHE B 371 23.58 16.59 -1.33
N PRO B 372 24.21 15.51 -1.80
CA PRO B 372 24.61 15.61 -3.22
C PRO B 372 23.42 15.78 -4.11
N ARG B 373 22.31 15.06 -3.79
CA ARG B 373 21.03 15.15 -4.46
C ARG B 373 19.85 14.83 -3.53
N VAL B 374 18.70 15.46 -3.75
CA VAL B 374 17.46 15.20 -2.98
C VAL B 374 16.25 15.52 -3.82
N GLU B 375 15.46 14.55 -4.22
CA GLU B 375 14.31 14.89 -4.97
C GLU B 375 13.09 14.98 -4.05
N THR B 376 13.01 14.15 -3.02
CA THR B 376 11.87 14.09 -2.10
C THR B 376 12.33 14.22 -0.66
N VAL B 377 11.65 15.05 0.13
CA VAL B 377 11.87 15.15 1.58
C VAL B 377 10.59 14.78 2.34
N ILE B 378 10.72 13.91 3.32
CA ILE B 378 9.64 13.56 4.20
C ILE B 378 10.09 14.13 5.53
N SER B 379 9.36 15.16 5.99
CA SER B 379 9.76 15.96 7.14
C SER B 379 8.82 15.82 8.32
N GLU B 380 9.36 15.94 9.51
CA GLU B 380 8.49 16.06 10.68
C GLU B 380 7.84 17.41 10.67
N ALA B 381 6.78 17.56 11.48
CA ALA B 381 5.96 18.77 11.53
C ALA B 381 5.46 19.12 12.95
N THR B 382 6.23 18.80 13.99
CA THR B 382 5.74 18.87 15.39
C THR B 382 5.34 20.26 15.76
N TYR B 383 6.18 21.24 15.40
CA TYR B 383 5.82 22.63 15.57
C TYR B 383 5.36 23.23 14.24
N GLY B 384 4.59 22.48 13.50
CA GLY B 384 4.29 22.86 12.14
C GLY B 384 3.19 23.88 12.00
N ASN B 385 2.44 24.12 13.07
CA ASN B 385 1.39 25.10 13.06
C ASN B 385 1.87 26.53 12.78
N ALA B 386 1.10 27.32 12.03
CA ALA B 386 1.44 28.73 11.75
C ALA B 386 1.94 29.46 12.99
N ASN B 387 1.41 29.05 14.12
CA ASN B 387 1.49 29.73 15.41
C ASN B 387 2.76 29.38 16.21
N ALA B 388 3.45 28.31 15.80
CA ALA B 388 4.21 27.49 16.70
C ALA B 388 5.71 27.83 16.78
N PHE B 389 5.97 29.07 17.11
CA PHE B 389 7.34 29.51 17.35
C PHE B 389 7.72 29.14 18.77
N GLN B 390 9.01 29.03 19.01
CA GLN B 390 9.42 28.79 20.37
C GLN B 390 10.48 29.82 20.68
N PRO B 391 10.65 30.17 21.95
CA PRO B 391 11.57 31.24 22.29
C PRO B 391 13.03 30.92 21.91
N ALA B 392 13.78 31.94 21.55
CA ALA B 392 15.24 31.84 21.36
C ALA B 392 15.96 31.19 22.58
N LEU B 393 16.94 30.35 22.29
CA LEU B 393 17.76 29.69 23.33
C LEU B 393 18.08 30.62 24.49
N LYS B 394 18.63 31.78 24.22
CA LYS B 394 18.99 32.68 25.32
C LYS B 394 17.78 33.11 26.19
N ASP B 395 16.68 33.47 25.56
CA ASP B 395 15.46 33.85 26.28
C ASP B 395 14.83 32.66 27.03
N ALA B 396 14.95 31.46 26.52
CA ALA B 396 14.34 30.31 27.18
C ALA B 396 15.06 30.05 28.47
N GLU B 397 16.38 30.20 28.41
CA GLU B 397 17.23 30.01 29.57
C GLU B 397 16.90 31.00 30.68
N LYS B 398 16.86 32.29 30.34
CA LYS B 398 16.52 33.28 31.36
C LYS B 398 15.17 32.98 31.98
N HIS B 399 14.21 32.55 31.16
CA HIS B 399 12.89 32.18 31.65
C HIS B 399 12.97 31.00 32.60
N LEU B 400 13.66 29.94 32.20
CA LEU B 400 13.80 28.82 33.12
C LEU B 400 14.44 29.26 34.44
N GLN B 401 15.43 30.14 34.37
CA GLN B 401 16.18 30.49 35.55
C GLN B 401 15.29 31.24 36.49
N MET B 402 14.47 32.13 35.96
CA MET B 402 13.58 32.92 36.77
C MET B 402 12.48 32.08 37.41
N VAL B 403 11.91 31.13 36.67
CA VAL B 403 10.89 30.28 37.26
C VAL B 403 11.47 29.44 38.39
N VAL B 404 12.65 28.87 38.15
CA VAL B 404 13.27 28.03 39.16
C VAL B 404 13.77 28.87 40.34
N LYS B 405 14.36 30.03 40.05
CA LYS B 405 14.81 30.94 41.09
C LYS B 405 13.66 31.31 41.99
N ASN B 406 12.58 31.77 41.39
CA ASN B 406 11.43 32.22 42.16
C ASN B 406 10.88 31.06 42.97
N THR B 407 10.71 29.88 42.38
CA THR B 407 10.19 28.73 43.13
C THR B 407 11.05 28.42 44.36
N ILE B 408 12.38 28.50 44.24
CA ILE B 408 13.23 28.11 45.35
C ILE B 408 13.24 29.19 46.43
N GLU B 409 13.43 30.44 46.01
CA GLU B 409 13.52 31.52 46.95
C GLU B 409 12.27 31.64 47.82
N ARG B 410 11.14 31.12 47.35
CA ARG B 410 9.92 31.12 48.16
C ARG B 410 9.64 29.74 48.81
N GLY B 411 10.62 28.86 48.83
CA GLY B 411 10.53 27.60 49.56
C GLY B 411 9.87 26.42 48.88
N GLY B 412 9.46 26.60 47.64
CA GLY B 412 8.88 25.51 46.88
C GLY B 412 9.93 24.71 46.13
N ILE B 413 9.51 23.56 45.63
CA ILE B 413 10.38 22.73 44.83
C ILE B 413 9.83 22.58 43.40
N ALA B 414 10.73 22.45 42.44
CA ALA B 414 10.34 22.55 41.03
C ALA B 414 10.42 21.17 40.38
N VAL B 415 9.27 20.59 40.06
CA VAL B 415 9.21 19.30 39.36
C VAL B 415 9.22 19.57 37.85
N ILE B 416 10.13 18.92 37.13
CA ILE B 416 10.30 19.12 35.71
C ILE B 416 10.28 17.77 35.01
N PRO B 417 9.13 17.35 34.47
CA PRO B 417 9.09 16.11 33.74
C PRO B 417 9.95 16.19 32.52
N ALA B 418 10.54 15.06 32.16
CA ALA B 418 11.57 14.99 31.12
C ALA B 418 11.64 13.57 30.61
N PHE B 419 12.25 13.42 29.46
CA PHE B 419 12.62 12.11 28.96
C PHE B 419 13.99 11.77 29.43
N ALA B 420 14.30 10.47 29.50
CA ALA B 420 15.65 10.04 29.86
C ALA B 420 16.66 10.74 28.98
N VAL B 421 16.41 10.78 27.68
CA VAL B 421 17.29 11.51 26.77
C VAL B 421 16.50 12.50 25.98
N GLY B 422 17.03 13.71 25.83
CA GLY B 422 16.33 14.77 25.17
C GLY B 422 16.20 15.96 26.11
N ARG B 423 15.05 16.10 26.75
CA ARG B 423 14.76 17.37 27.42
C ARG B 423 15.55 17.50 28.72
N SER B 424 15.87 16.37 29.31
CA SER B 424 16.61 16.37 30.53
C SER B 424 18.01 16.95 30.34
N GLN B 425 18.73 16.54 29.31
CA GLN B 425 20.14 16.96 29.20
C GLN B 425 20.27 18.45 28.98
N GLU B 426 19.51 19.01 28.04
CA GLU B 426 19.53 20.46 27.82
C GLU B 426 19.14 21.21 29.10
N VAL B 427 18.17 20.70 29.83
CA VAL B 427 17.78 21.35 31.08
C VAL B 427 18.92 21.33 32.09
N MET B 428 19.63 20.21 32.19
CA MET B 428 20.76 20.09 33.14
C MET B 428 21.86 21.08 32.82
N ILE B 429 22.14 21.32 31.55
CA ILE B 429 23.22 22.25 31.18
C ILE B 429 22.86 23.66 31.60
N VAL B 430 21.60 24.01 31.47
CA VAL B 430 21.15 25.32 31.90
C VAL B 430 21.24 25.46 33.42
N LEU B 431 20.79 24.43 34.14
CA LEU B 431 20.74 24.49 35.61
C LEU B 431 22.14 24.57 36.22
N GLU B 432 23.04 23.68 35.82
CA GLU B 432 24.38 23.70 36.40
C GLU B 432 25.05 25.06 36.22
N GLU B 433 24.87 25.67 35.06
CA GLU B 433 25.47 26.96 34.75
C GLU B 433 24.84 28.01 35.62
N SER B 434 23.52 27.94 35.76
CA SER B 434 22.79 28.94 36.50
C SER B 434 23.22 28.92 37.94
N ILE B 435 23.25 27.73 38.54
CA ILE B 435 23.74 27.61 39.91
C ILE B 435 25.18 28.08 40.03
N ARG B 436 26.02 27.71 39.06
CA ARG B 436 27.45 28.06 39.10
C ARG B 436 27.66 29.58 39.12
N LYS B 437 26.87 30.30 38.31
CA LYS B 437 26.90 31.76 38.24
C LYS B 437 25.99 32.44 39.26
N GLY B 438 25.57 31.69 40.29
CA GLY B 438 24.76 32.26 41.38
C GLY B 438 23.48 32.94 40.92
N LEU B 439 22.81 32.33 39.94
CA LEU B 439 21.65 32.87 39.26
C LEU B 439 20.40 32.03 39.56
N ILE B 440 20.57 30.78 39.98
CA ILE B 440 19.57 30.01 40.73
C ILE B 440 20.31 29.71 42.03
N PRO B 441 19.58 29.48 43.14
CA PRO B 441 20.31 29.17 44.40
C PRO B 441 20.87 27.76 44.46
N GLU B 442 21.98 27.57 45.17
CA GLU B 442 22.58 26.23 45.25
C GLU B 442 21.60 25.31 45.99
N VAL B 443 21.15 24.30 45.26
CA VAL B 443 20.06 23.42 45.69
C VAL B 443 20.23 22.14 44.86
N PRO B 444 19.79 20.99 45.40
CA PRO B 444 19.98 19.68 44.73
C PRO B 444 19.06 19.46 43.55
N VAL B 445 19.63 19.12 42.41
CA VAL B 445 18.85 18.79 41.23
C VAL B 445 18.79 17.28 41.11
N TYR B 446 17.69 16.69 41.58
CA TYR B 446 17.52 15.24 41.55
C TYR B 446 17.15 14.81 40.15
N LEU B 447 17.62 13.62 39.75
CA LEU B 447 17.47 13.07 38.42
C LEU B 447 16.97 11.64 38.50
N ASP B 448 15.75 11.37 38.05
CA ASP B 448 15.12 10.05 38.30
C ASP B 448 14.67 9.39 37.01
N GLY B 449 14.65 8.06 36.98
CA GLY B 449 14.18 7.31 35.82
C GLY B 449 15.08 7.21 34.58
N MET B 450 16.35 6.88 34.79
CA MET B 450 17.32 6.63 33.70
C MET B 450 17.96 7.86 33.04
N ILE B 451 17.63 9.06 33.53
CA ILE B 451 18.23 10.26 33.00
C ILE B 451 19.74 10.20 33.12
N TRP B 452 20.20 9.85 34.31
CA TRP B 452 21.63 9.85 34.60
C TRP B 452 22.43 8.84 33.76
N GLU B 453 21.96 7.60 33.70
CA GLU B 453 22.55 6.61 32.81
C GLU B 453 22.53 7.07 31.34
N ALA B 454 21.44 7.75 30.94
CA ALA B 454 21.36 8.30 29.56
C ALA B 454 22.42 9.36 29.34
N THR B 455 22.74 10.10 30.40
CA THR B 455 23.71 11.16 30.31
C THR B 455 25.08 10.58 30.25
N ALA B 456 25.37 9.56 31.05
CA ALA B 456 26.63 8.82 30.97
C ALA B 456 26.95 8.47 29.51
N ILE B 457 25.96 7.98 28.77
CA ILE B 457 26.18 7.55 27.39
C ILE B 457 26.71 8.68 26.52
N HIS B 458 26.27 9.93 26.77
CA HIS B 458 26.78 11.11 26.01
C HIS B 458 28.32 11.13 26.11
N ALA B 459 28.83 10.90 27.31
CA ALA B 459 30.24 10.96 27.54
C ALA B 459 31.03 9.97 26.67
N THR B 460 30.37 8.91 26.24
CA THR B 460 31.00 7.86 25.45
C THR B 460 30.98 8.19 23.97
N HIS B 461 30.17 9.18 23.58
CA HIS B 461 30.07 9.57 22.21
C HIS B 461 30.34 11.06 22.03
N PRO B 462 31.57 11.49 22.33
CA PRO B 462 31.94 12.89 22.16
C PRO B 462 31.76 13.44 20.73
N GLU B 463 32.06 12.64 19.72
CA GLU B 463 31.91 13.01 18.28
C GLU B 463 30.47 13.35 17.87
N TYR B 464 29.48 12.98 18.69
CA TYR B 464 28.09 13.24 18.36
C TYR B 464 27.55 14.50 19.00
N LEU B 465 28.40 15.17 19.76
CA LEU B 465 28.14 16.49 20.31
C LEU B 465 28.80 17.59 19.44
N ASN B 466 28.36 18.84 19.59
CA ASN B 466 29.01 19.97 18.91
C ASN B 466 30.38 20.27 19.52
N ASN B 467 31.18 21.07 18.83
CA ASN B 467 32.55 21.41 19.27
C ASN B 467 32.69 21.92 20.71
N ASP B 468 31.73 22.74 21.16
CA ASP B 468 31.87 23.37 22.44
C ASP B 468 31.62 22.39 23.56
N LEU B 469 30.61 21.55 23.42
CA LEU B 469 30.34 20.58 24.48
C LEU B 469 31.44 19.50 24.49
N ARG B 470 31.83 19.06 23.29
CA ARG B 470 32.97 18.18 23.09
C ARG B 470 34.14 18.64 23.97
N LYS B 471 34.61 19.88 23.82
CA LYS B 471 35.75 20.35 24.64
C LYS B 471 35.37 20.38 26.15
N LEU B 472 34.13 20.69 26.47
CA LEU B 472 33.73 20.75 27.89
C LEU B 472 33.73 19.39 28.61
N ILE B 473 33.20 18.33 27.99
CA ILE B 473 33.21 17.01 28.62
C ILE B 473 34.59 16.35 28.58
N ASN B 479 33.24 20.94 33.55
CA ASN B 479 32.46 19.92 32.84
C ASN B 479 31.07 19.93 33.42
N PRO B 480 30.08 20.24 32.60
CA PRO B 480 28.79 20.60 33.13
C PRO B 480 28.21 19.49 33.97
N PHE B 481 28.10 18.32 33.36
CA PHE B 481 27.35 17.21 33.94
C PHE B 481 27.96 16.68 35.23
N LEU B 482 29.22 17.00 35.54
CA LEU B 482 29.82 16.55 36.81
C LEU B 482 29.69 17.55 37.95
N SER B 483 28.71 18.46 37.88
CA SER B 483 28.48 19.38 38.99
C SER B 483 28.03 18.66 40.25
N GLU B 484 28.52 19.15 41.39
CA GLU B 484 28.11 18.67 42.69
C GLU B 484 26.58 18.67 42.80
N CYS B 485 25.92 19.62 42.14
CA CYS B 485 24.47 19.79 42.21
C CYS B 485 23.63 18.56 41.87
N PHE B 486 24.00 17.81 40.83
CA PHE B 486 23.13 16.74 40.34
C PHE B 486 23.20 15.56 41.27
N LYS B 487 22.05 15.03 41.68
CA LYS B 487 22.00 13.88 42.55
C LYS B 487 21.11 12.86 41.89
N PRO B 488 21.65 11.73 41.45
CA PRO B 488 20.76 10.75 40.83
C PRO B 488 19.99 9.92 41.85
N VAL B 489 18.90 9.34 41.40
CA VAL B 489 18.06 8.50 42.24
C VAL B 489 17.36 7.53 41.33
N ASP B 490 17.54 6.24 41.55
CA ASP B 490 16.73 5.24 40.84
C ASP B 490 16.28 4.12 41.80
N SER B 491 17.03 3.93 42.90
CA SER B 491 16.44 3.34 44.08
C SER B 491 15.06 3.98 44.37
N HIS B 492 14.07 3.15 44.64
CA HIS B 492 12.80 3.60 45.20
C HIS B 492 12.98 4.08 46.66
N GLU B 493 13.85 3.41 47.40
CA GLU B 493 14.16 3.83 48.77
C GLU B 493 14.69 5.29 48.81
N ALA B 494 15.50 5.66 47.82
CA ALA B 494 16.05 7.02 47.73
C ALA B 494 14.97 8.06 47.38
N ARG B 495 14.08 7.68 46.47
CA ARG B 495 12.92 8.50 46.10
C ARG B 495 12.12 8.97 47.31
N GLN B 496 11.82 8.05 48.21
CA GLN B 496 10.99 8.37 49.38
C GLN B 496 11.65 9.41 50.29
N LYS B 497 12.97 9.42 50.35
CA LYS B 497 13.71 10.38 51.19
C LYS B 497 13.57 11.81 50.70
N ILE B 498 13.46 11.98 49.38
CA ILE B 498 13.19 13.29 48.81
C ILE B 498 11.78 13.69 49.17
N ILE B 499 10.87 12.71 49.06
CA ILE B 499 9.45 12.91 49.35
C ILE B 499 9.16 13.17 50.86
N GLN B 500 9.64 12.29 51.73
CA GLN B 500 9.35 12.39 53.18
C GLN B 500 9.97 13.64 53.83
N ASN B 501 11.11 14.09 53.34
CA ASN B 501 11.72 15.33 53.79
C ASN B 501 11.62 16.42 52.70
N PRO B 502 10.39 16.84 52.34
CA PRO B 502 10.45 17.90 51.29
C PRO B 502 11.30 19.08 51.73
N GLN B 503 11.98 19.67 50.76
CA GLN B 503 13.03 20.62 51.01
C GLN B 503 13.33 21.24 49.66
N PRO B 504 13.40 22.57 49.57
CA PRO B 504 13.48 23.24 48.25
C PRO B 504 14.54 22.65 47.36
N CYS B 505 14.16 22.29 46.14
CA CYS B 505 15.07 21.61 45.23
C CYS B 505 14.49 21.62 43.82
N VAL B 506 15.17 20.95 42.89
CA VAL B 506 14.65 20.77 41.53
C VAL B 506 14.60 19.28 41.23
N ILE B 507 13.53 18.82 40.60
CA ILE B 507 13.41 17.43 40.22
C ILE B 507 13.22 17.27 38.70
N LEU B 508 14.24 16.75 38.02
CA LEU B 508 14.05 16.22 36.67
C LEU B 508 13.62 14.79 36.83
N ALA B 509 12.50 14.43 36.23
CA ALA B 509 11.99 13.08 36.40
C ALA B 509 11.16 12.68 35.21
N THR B 510 11.10 11.37 35.04
CA THR B 510 10.50 10.72 33.90
C THR B 510 9.05 10.31 34.26
N SER B 511 8.14 10.23 33.29
CA SER B 511 8.39 10.45 31.88
C SER B 511 7.98 11.83 31.43
N GLY B 512 8.56 12.26 30.34
CA GLY B 512 8.39 13.65 29.89
C GLY B 512 7.02 14.23 29.60
N MET B 513 5.98 13.39 29.51
CA MET B 513 4.60 13.88 29.34
C MET B 513 3.64 13.35 30.42
N MET B 514 4.23 12.92 31.54
CA MET B 514 3.52 12.51 32.74
C MET B 514 2.56 11.36 32.54
N ASN B 515 2.73 10.57 31.49
CA ASN B 515 1.92 9.35 31.32
C ASN B 515 2.35 8.25 32.25
N GLY B 516 3.46 8.44 32.94
CA GLY B 516 3.83 7.55 34.02
C GLY B 516 5.23 7.81 34.48
N GLY B 517 5.75 6.91 35.29
CA GLY B 517 7.12 6.99 35.77
C GLY B 517 7.18 7.66 37.12
N PRO B 518 8.39 7.82 37.65
CA PRO B 518 8.56 8.41 38.97
C PRO B 518 8.01 9.84 39.10
N VAL B 519 7.88 10.59 38.00
CA VAL B 519 7.38 11.96 38.10
C VAL B 519 5.94 11.99 38.66
N MET B 520 5.24 10.89 38.46
CA MET B 520 3.92 10.76 39.02
C MET B 520 3.94 10.55 40.55
N GLU B 521 4.96 9.88 41.06
CA GLU B 521 5.14 9.78 42.51
C GLU B 521 5.46 11.17 43.07
N TYR B 522 6.40 11.87 42.45
CA TYR B 522 6.74 13.23 42.88
C TYR B 522 5.55 14.16 42.83
N PHE B 523 4.72 13.97 41.81
CA PHE B 523 3.56 14.82 41.58
C PHE B 523 2.45 14.46 42.56
N LYS B 524 2.23 13.16 42.76
CA LYS B 524 1.20 12.71 43.68
C LYS B 524 1.39 13.35 45.04
N ALA B 525 2.63 13.71 45.37
CA ALA B 525 2.96 14.22 46.71
C ALA B 525 3.23 15.73 46.77
N PHE B 526 3.65 16.36 45.67
CA PHE B 526 3.97 17.80 45.73
C PHE B 526 2.92 18.75 45.11
N ALA B 527 1.89 18.19 44.50
CA ALA B 527 0.91 18.97 43.77
C ALA B 527 0.00 19.84 44.66
N GLU B 528 -0.10 19.51 45.94
CA GLU B 528 -0.97 20.22 46.87
C GLU B 528 -0.46 21.60 47.34
N ASP B 529 0.84 21.75 47.62
CA ASP B 529 1.33 23.05 48.13
C ASP B 529 1.48 24.01 46.91
N PRO B 530 0.83 25.19 46.98
CA PRO B 530 0.94 26.17 45.90
C PRO B 530 2.35 26.79 45.74
N ARG B 531 3.16 26.66 46.77
CA ARG B 531 4.54 27.14 46.80
C ARG B 531 5.35 26.49 45.69
N ASN B 532 5.01 25.24 45.36
CA ASN B 532 5.71 24.46 44.35
C ASN B 532 5.39 24.87 42.92
N THR B 533 6.15 24.32 41.97
CA THR B 533 5.96 24.61 40.55
C THR B 533 6.17 23.40 39.65
N LEU B 534 5.39 23.33 38.57
CA LEU B 534 5.51 22.24 37.63
C LEU B 534 5.94 22.83 36.29
N VAL B 535 7.13 22.47 35.81
CA VAL B 535 7.72 23.17 34.67
C VAL B 535 7.65 22.33 33.42
N PHE B 536 6.86 22.75 32.45
CA PHE B 536 6.86 22.09 31.15
C PHE B 536 7.89 22.70 30.20
N VAL B 537 8.84 21.90 29.73
CA VAL B 537 9.98 22.39 28.96
C VAL B 537 9.89 22.02 27.50
N GLY B 538 8.84 21.33 27.12
CA GLY B 538 8.61 21.02 25.71
C GLY B 538 7.15 20.70 25.47
N TYR B 539 6.75 20.55 24.21
CA TYR B 539 5.35 20.20 23.91
C TYR B 539 4.91 18.91 24.62
N GLN B 540 3.62 18.85 24.89
CA GLN B 540 2.94 17.68 25.44
C GLN B 540 1.91 17.27 24.41
N ALA B 541 1.93 16.02 23.96
CA ALA B 541 1.10 15.57 22.88
C ALA B 541 -0.35 15.37 23.31
N ASP B 542 -1.27 15.42 22.36
CA ASP B 542 -2.65 15.02 22.56
C ASP B 542 -2.76 13.74 23.37
N GLY B 543 -3.69 13.72 24.32
CA GLY B 543 -4.02 12.51 25.07
C GLY B 543 -3.14 12.25 26.26
N THR B 544 -2.11 13.06 26.45
CA THR B 544 -1.22 12.84 27.58
C THR B 544 -1.71 13.55 28.83
N ILE B 545 -1.32 13.03 29.98
CA ILE B 545 -1.62 13.65 31.25
C ILE B 545 -1.04 15.04 31.22
N GLY B 546 0.23 15.17 30.83
CA GLY B 546 0.86 16.49 30.80
C GLY B 546 0.08 17.49 29.97
N ARG B 547 -0.41 17.06 28.83
CA ARG B 547 -1.17 17.93 28.00
C ARG B 547 -2.45 18.39 28.71
N ARG B 548 -3.12 17.45 29.34
CA ARG B 548 -4.32 17.74 30.08
C ARG B 548 -4.06 18.77 31.19
N ILE B 549 -3.00 18.62 31.97
CA ILE B 549 -2.67 19.63 32.96
C ILE B 549 -2.46 21.01 32.33
N GLN B 550 -1.62 21.05 31.30
CA GLN B 550 -1.28 22.29 30.60
C GLN B 550 -2.48 23.01 30.04
N LYS B 551 -3.58 22.30 29.80
CA LYS B 551 -4.85 22.92 29.41
C LYS B 551 -5.65 23.48 30.60
N GLY B 552 -5.10 23.39 31.80
CA GLY B 552 -5.79 23.94 32.99
C GLY B 552 -6.81 23.02 33.62
N TRP B 553 -6.75 21.72 33.31
CA TRP B 553 -7.45 20.72 34.12
C TRP B 553 -6.74 20.65 35.48
N LYS B 554 -7.51 20.69 36.56
CA LYS B 554 -6.98 20.63 37.94
C LYS B 554 -7.29 19.28 38.61
N GLU B 555 -8.11 18.45 37.96
CA GLU B 555 -8.43 17.12 38.43
C GLU B 555 -7.69 16.13 37.52
N ILE B 556 -6.72 15.41 38.10
CA ILE B 556 -5.91 14.45 37.34
C ILE B 556 -6.08 13.05 37.93
N PRO B 557 -6.40 12.05 37.07
CA PRO B 557 -6.69 10.70 37.56
C PRO B 557 -5.45 9.93 37.98
N MET B 558 -5.56 9.23 39.10
CA MET B 558 -4.49 8.34 39.60
C MET B 558 -5.14 7.08 40.21
N MET B 567 -7.87 10.19 42.50
CA MET B 567 -8.24 11.52 42.02
C MET B 567 -7.85 12.61 43.03
N LEU B 568 -6.78 13.37 42.73
CA LEU B 568 -6.24 14.37 43.67
C LEU B 568 -5.95 15.74 43.03
N LYS B 569 -6.39 16.79 43.73
CA LYS B 569 -6.41 18.17 43.22
C LYS B 569 -5.09 18.93 43.35
N MET B 570 -4.73 19.57 42.24
CA MET B 570 -3.46 20.23 42.08
C MET B 570 -3.56 21.75 42.27
N ASN B 571 -2.89 22.26 43.30
CA ASN B 571 -2.82 23.67 43.55
C ASN B 571 -1.52 24.29 43.11
N MET B 572 -0.62 23.49 42.54
CA MET B 572 0.76 23.96 42.32
C MET B 572 0.87 24.77 41.04
N GLU B 573 1.66 25.83 41.09
CA GLU B 573 1.97 26.68 39.94
C GLU B 573 2.40 25.85 38.73
N VAL B 574 1.97 26.28 37.55
CA VAL B 574 2.31 25.66 36.29
C VAL B 574 2.97 26.70 35.39
N GLN B 575 4.19 26.45 34.93
CA GLN B 575 4.81 27.35 33.97
C GLN B 575 5.23 26.56 32.77
N VAL B 576 5.17 27.19 31.60
CA VAL B 576 5.54 26.55 30.36
C VAL B 576 6.74 27.29 29.80
N VAL B 577 7.87 26.60 29.66
CA VAL B 577 9.08 27.21 29.11
C VAL B 577 9.48 26.32 27.96
N ASP B 578 8.82 26.53 26.84
CA ASP B 578 8.88 25.57 25.75
C ASP B 578 10.12 25.92 24.96
N GLY B 579 11.28 25.62 25.51
CA GLY B 579 12.53 25.89 24.81
C GLY B 579 13.49 24.72 24.74
N PHE B 580 13.06 23.54 25.12
CA PHE B 580 13.99 22.44 25.23
C PHE B 580 13.48 21.16 24.60
N SER B 581 12.53 21.29 23.69
CA SER B 581 11.93 20.13 23.09
C SER B 581 12.92 19.42 22.21
N GLY B 582 13.91 20.12 21.66
CA GLY B 582 14.82 19.54 20.68
C GLY B 582 14.25 19.41 19.27
N HIS B 583 13.13 20.10 19.00
CA HIS B 583 12.57 20.24 17.65
C HIS B 583 12.68 21.64 17.09
N SER B 584 12.76 21.69 15.78
CA SER B 584 12.67 22.90 15.03
C SER B 584 11.32 23.51 15.28
N ASP B 585 11.28 24.81 15.58
CA ASP B 585 9.98 25.50 15.66
C ASP B 585 9.45 25.76 14.24
N ARG B 586 8.35 26.50 14.14
CA ARG B 586 7.73 26.73 12.83
C ARG B 586 8.70 27.41 11.88
N ARG B 587 9.34 28.48 12.33
CA ARG B 587 10.33 29.19 11.52
C ARG B 587 11.43 28.21 11.02
N GLN B 588 11.92 27.38 11.93
CA GLN B 588 13.05 26.53 11.61
C GLN B 588 12.67 25.43 10.64
N LEU B 589 11.45 24.91 10.75
CA LEU B 589 10.95 23.93 9.80
C LEU B 589 10.98 24.55 8.41
N MET B 590 10.48 25.77 8.29
CA MET B 590 10.41 26.43 7.01
C MET B 590 11.79 26.76 6.48
N GLU B 591 12.71 27.15 7.35
CA GLU B 591 14.05 27.51 6.94
C GLU B 591 14.79 26.25 6.43
N TYR B 592 14.56 25.12 7.09
CA TYR B 592 15.20 23.86 6.74
C TYR B 592 14.95 23.45 5.28
N VAL B 593 13.68 23.52 4.88
CA VAL B 593 13.29 23.20 3.52
C VAL B 593 13.72 24.31 2.59
N LYS B 594 13.43 25.55 2.96
CA LYS B 594 13.77 26.73 2.12
C LYS B 594 15.26 26.79 1.71
N ARG B 595 16.12 26.49 2.66
CA ARG B 595 17.57 26.56 2.47
C ARG B 595 18.19 25.20 2.05
N MET B 596 17.38 24.16 1.94
CA MET B 596 17.87 22.86 1.46
C MET B 596 18.56 22.99 0.07
N GLN B 597 19.71 22.32 -0.06
CA GLN B 597 20.50 22.25 -1.30
C GLN B 597 20.74 20.77 -1.62
N PRO B 598 20.36 20.34 -2.82
CA PRO B 598 19.51 21.06 -3.77
C PRO B 598 18.10 21.28 -3.20
N ARG B 599 17.27 22.00 -3.95
CA ARG B 599 15.86 22.14 -3.61
C ARG B 599 15.11 20.89 -4.01
N PRO B 600 14.31 20.34 -3.10
CA PRO B 600 13.55 19.14 -3.45
C PRO B 600 12.33 19.47 -4.30
N GLU B 601 11.83 18.47 -5.00
CA GLU B 601 10.71 18.63 -5.88
C GLU B 601 9.40 18.31 -5.15
N ARG B 602 9.44 17.43 -4.14
CA ARG B 602 8.28 17.25 -3.28
C ARG B 602 8.65 17.25 -1.79
N VAL B 603 7.76 17.73 -0.93
CA VAL B 603 7.88 17.43 0.46
C VAL B 603 6.59 16.89 1.06
N PHE B 604 6.72 15.99 2.01
CA PHE B 604 5.62 15.38 2.67
C PHE B 604 5.79 15.63 4.14
N THR B 605 4.69 15.72 4.88
CA THR B 605 4.82 16.03 6.29
C THR B 605 4.19 14.95 7.18
N GLU B 606 4.69 14.83 8.38
CA GLU B 606 4.32 13.80 9.31
C GLU B 606 4.74 14.23 10.72
N HIS B 607 4.44 13.40 11.72
CA HIS B 607 4.89 13.67 13.10
C HIS B 607 4.46 15.05 13.58
N GLY B 608 3.14 15.24 13.60
CA GLY B 608 2.53 16.42 14.19
C GLY B 608 1.08 16.11 14.39
N ASP B 609 0.35 16.90 15.17
CA ASP B 609 -1.08 16.70 15.20
C ASP B 609 -1.64 17.11 13.83
N GLU B 610 -2.85 16.68 13.52
CA GLU B 610 -3.39 16.85 12.17
C GLU B 610 -3.20 18.24 11.61
N LYS B 611 -3.70 19.26 12.31
CA LYS B 611 -3.58 20.64 11.85
C LYS B 611 -2.10 21.02 11.64
N ALA B 612 -1.21 20.50 12.46
CA ALA B 612 0.19 20.86 12.32
C ALA B 612 0.70 20.40 10.95
N CYS B 613 0.43 19.15 10.58
CA CYS B 613 0.99 18.59 9.33
C CYS B 613 0.43 19.29 8.13
N VAL B 614 -0.87 19.52 8.15
CA VAL B 614 -1.56 20.15 7.03
C VAL B 614 -1.18 21.63 6.88
N ASP B 615 -1.03 22.32 8.00
CA ASP B 615 -0.62 23.73 7.98
C ASP B 615 0.79 23.89 7.41
N LEU B 616 1.71 23.10 7.92
CA LEU B 616 3.05 23.17 7.42
C LEU B 616 3.10 22.81 5.94
N ALA B 617 2.40 21.77 5.52
CA ALA B 617 2.45 21.36 4.12
C ALA B 617 2.04 22.53 3.21
N SER B 618 0.84 23.07 3.42
CA SER B 618 0.33 24.10 2.53
C SER B 618 1.12 25.36 2.66
N SER B 619 1.72 25.61 3.83
CA SER B 619 2.63 26.75 3.94
C SER B 619 3.83 26.61 2.99
N VAL B 620 4.42 25.41 2.92
CA VAL B 620 5.56 25.20 2.06
C VAL B 620 5.17 25.30 0.59
N TYR B 621 4.03 24.77 0.22
CA TYR B 621 3.56 24.97 -1.19
C TYR B 621 3.42 26.44 -1.49
N LYS B 622 2.82 27.19 -0.57
CA LYS B 622 2.50 28.60 -0.79
C LYS B 622 3.76 29.47 -0.80
N LYS B 623 4.57 29.42 0.25
CA LYS B 623 5.75 30.30 0.34
C LYS B 623 6.87 29.90 -0.62
N LEU B 624 7.15 28.61 -0.70
CA LEU B 624 8.34 28.15 -1.41
C LEU B 624 8.05 27.58 -2.78
N LYS B 625 6.79 27.42 -3.12
CA LYS B 625 6.38 26.85 -4.41
C LYS B 625 6.82 25.41 -4.60
N ILE B 626 7.12 24.70 -3.53
CA ILE B 626 7.44 23.26 -3.66
C ILE B 626 6.16 22.45 -3.43
N GLU B 627 5.81 21.54 -4.31
CA GLU B 627 4.62 20.72 -4.08
C GLU B 627 4.70 19.90 -2.80
N THR B 628 3.82 20.18 -1.84
CA THR B 628 3.89 19.43 -0.58
C THR B 628 2.53 19.12 0.02
N ARG B 629 2.45 18.00 0.73
CA ARG B 629 1.20 17.45 1.21
C ARG B 629 1.40 16.55 2.43
N ALA B 630 0.42 16.54 3.35
CA ALA B 630 0.49 15.73 4.57
C ALA B 630 0.16 14.30 4.30
N LEU B 631 0.96 13.39 4.87
CA LEU B 631 0.72 11.96 4.69
C LEU B 631 -0.45 11.49 5.57
N THR B 632 -1.05 10.37 5.19
CA THR B 632 -2.13 9.74 5.94
C THR B 632 -1.72 8.32 6.25
N ASN B 633 -1.98 7.83 7.46
CA ASN B 633 -1.66 6.42 7.76
C ASN B 633 -2.37 5.53 6.74
N LEU B 634 -1.61 4.61 6.14
CA LEU B 634 -2.08 3.59 5.21
C LEU B 634 -2.22 4.00 3.77
N GLU B 635 -1.83 5.23 3.44
CA GLU B 635 -1.69 5.68 2.06
C GLU B 635 -0.28 5.41 1.56
N THR B 636 -0.12 5.22 0.26
CA THR B 636 1.17 5.02 -0.36
C THR B 636 1.30 6.07 -1.45
N VAL B 637 2.40 6.78 -1.43
CA VAL B 637 2.68 7.80 -2.40
C VAL B 637 3.83 7.35 -3.33
N ARG B 638 3.69 7.62 -4.62
CA ARG B 638 4.74 7.28 -5.57
C ARG B 638 5.67 8.46 -5.82
N LEU B 639 6.96 8.18 -5.71
CA LEU B 639 7.99 9.18 -5.85
C LEU B 639 8.58 9.17 -7.25
N LEU B 640 8.46 8.04 -7.94
CA LEU B 640 9.04 7.82 -9.26
C LEU B 640 8.44 6.53 -9.80
ZN ZN C . -14.63 -0.30 -22.14
ZN ZN D . -12.00 0.87 -20.84
ZN ZN E . 12.19 12.37 19.05
ZN ZN F . 9.33 11.74 17.71
#